data_5UKG
#
_entry.id   5UKG
#
_cell.length_a   42.284
_cell.length_b   129.249
_cell.length_c   78.715
_cell.angle_alpha   90.00
_cell.angle_beta   106.27
_cell.angle_gamma   90.00
#
_symmetry.space_group_name_H-M   'P 1 21 1'
#
loop_
_entity.id
_entity.type
_entity.pdbx_description
1 polymer K-GECO
2 non-polymer 'CALCIUM ION'
3 water water
#
_entity_poly.entity_id   1
_entity_poly.type   'polypeptide(L)'
_entity_poly.pdbx_seq_one_letter_code
;MHHHHHHGSVKLIPSLTTVILVKSMLRKRSFGNPFKYNTETLYPADGGLEGACDMALKLVGGGHLNCSLETTYRSKKPAT
NLKMPGVYNVDHRLERIKEADDETYVELHEVAVARYVGLGGGGGTGGSVSELIKENMPMKLYMEGTVNNHHFKCTSEGEG
KPYEGTQTMRIKVVEGGPLPFAFDILATSF(NRQ)SRTFIKHPPGIPDFFKQSFPEGFTWERVTTYEDGGVLTATQDTSL
QDGCLIYNVKVRGMNFPANGPVMQKKTLGWEASNGQLTEEQIAEFKEAFSLFDKDGDGTITTKELGTVMRSLGQNPTEAE
LQDMINEVDADGDGTFDFPEFLTMMARKMSYRVTEEEIREAFRVFDKDGNGYIGAAELRHVMTDLGEKLTDEEVDEMIRV
ADIDGDGQVNYEEFVQMMTAK
;
_entity_poly.pdbx_strand_id   A,B
#
loop_
_chem_comp.id
_chem_comp.type
_chem_comp.name
_chem_comp.formula
CA non-polymer 'CALCIUM ION' 'Ca 2'
#
# COMPACT_ATOMS: atom_id res chain seq x y z
N LEU A 12 -19.15 7.45 17.22
CA LEU A 12 -17.72 7.76 17.61
C LEU A 12 -17.40 9.25 17.61
N ILE A 13 -16.65 9.66 18.64
CA ILE A 13 -16.21 11.05 18.83
C ILE A 13 -15.27 11.43 17.68
N PRO A 14 -15.58 12.47 16.88
CA PRO A 14 -14.61 12.92 15.85
C PRO A 14 -13.16 12.93 16.33
N SER A 15 -12.26 12.35 15.56
CA SER A 15 -10.86 12.34 15.92
C SER A 15 -10.20 13.71 15.72
N LEU A 16 -9.07 13.88 16.38
CA LEU A 16 -8.20 15.02 16.20
C LEU A 16 -7.89 15.35 14.71
N THR A 17 -7.51 14.33 13.95
CA THR A 17 -7.19 14.57 12.54
C THR A 17 -8.42 15.06 11.75
N THR A 18 -9.59 14.47 12.05
CA THR A 18 -10.86 14.93 11.48
C THR A 18 -11.05 16.41 11.75
N VAL A 19 -10.76 16.82 12.96
CA VAL A 19 -10.92 18.25 13.30
C VAL A 19 -10.00 19.12 12.42
N ILE A 20 -8.75 18.70 12.23
CA ILE A 20 -7.79 19.45 11.41
C ILE A 20 -8.20 19.42 9.94
N LEU A 21 -8.75 18.30 9.51
CA LEU A 21 -9.31 18.17 8.17
C LEU A 21 -10.37 19.24 7.91
N VAL A 22 -11.37 19.26 8.77
CA VAL A 22 -12.48 20.21 8.68
C VAL A 22 -11.90 21.61 8.69
N LYS A 23 -10.95 21.86 9.58
CA LYS A 23 -10.34 23.20 9.65
C LYS A 23 -9.74 23.51 8.30
N SER A 24 -8.99 22.57 7.76
CA SER A 24 -8.37 22.74 6.45
C SER A 24 -9.36 22.93 5.29
N MET A 25 -10.45 22.17 5.30
CA MET A 25 -11.47 22.30 4.29
C MET A 25 -11.99 23.74 4.27
N LEU A 26 -12.18 24.28 5.46
CA LEU A 26 -12.63 25.66 5.60
C LEU A 26 -11.59 26.66 5.14
N ARG A 27 -10.32 26.45 5.47
CA ARG A 27 -9.24 27.35 4.99
C ARG A 27 -9.26 27.46 3.46
N LYS A 28 -9.59 26.37 2.79
CA LYS A 28 -9.64 26.32 1.33
C LYS A 28 -11.02 26.57 0.72
N ARG A 29 -12.03 26.85 1.55
CA ARG A 29 -13.42 27.08 1.13
C ARG A 29 -13.95 26.04 0.16
N SER A 30 -13.77 24.79 0.54
CA SER A 30 -14.13 23.70 -0.33
C SER A 30 -14.42 22.46 0.49
N PHE A 31 -15.50 21.77 0.13
CA PHE A 31 -15.76 20.45 0.68
C PHE A 31 -14.90 19.36 0.10
N GLY A 32 -13.95 19.70 -0.79
CA GLY A 32 -12.96 18.74 -1.30
C GLY A 32 -11.98 18.24 -0.24
N ASN A 33 -11.33 17.11 -0.54
CA ASN A 33 -10.17 16.68 0.22
C ASN A 33 -9.07 17.74 0.05
N PRO A 34 -8.70 18.44 1.14
CA PRO A 34 -7.68 19.51 1.04
C PRO A 34 -6.25 19.02 1.14
N PHE A 35 -6.06 17.75 1.46
CA PHE A 35 -4.73 17.22 1.63
C PHE A 35 -4.18 16.59 0.36
N LYS A 36 -5.04 16.06 -0.50
CA LYS A 36 -4.63 15.21 -1.61
C LYS A 36 -4.43 16.10 -2.84
N TYR A 37 -3.29 16.80 -2.85
CA TYR A 37 -2.90 17.73 -3.90
C TYR A 37 -1.41 17.90 -3.90
N ASN A 38 -0.88 18.31 -5.04
CA ASN A 38 0.52 18.59 -5.23
C ASN A 38 0.59 20.04 -5.68
N THR A 39 1.54 20.79 -5.11
CA THR A 39 1.51 22.25 -5.19
C THR A 39 2.58 22.84 -6.06
N GLU A 40 2.14 23.61 -7.07
CA GLU A 40 2.99 24.45 -7.88
C GLU A 40 2.85 25.87 -7.40
N THR A 41 3.96 26.61 -7.35
CA THR A 41 3.98 28.02 -7.02
C THR A 41 4.32 28.81 -8.28
N LEU A 42 3.51 29.81 -8.60
CA LEU A 42 3.67 30.60 -9.82
C LEU A 42 4.14 32.00 -9.47
N TYR A 43 5.21 32.47 -10.10
CA TYR A 43 5.76 33.81 -9.80
C TYR A 43 5.72 34.62 -11.09
N PRO A 44 5.28 35.90 -11.02
CA PRO A 44 5.40 36.75 -12.20
C PRO A 44 6.86 37.09 -12.47
N ALA A 45 7.17 37.44 -13.71
CA ALA A 45 8.55 37.49 -14.16
C ALA A 45 8.54 37.98 -15.57
N ASP A 46 9.04 39.18 -15.79
CA ASP A 46 9.17 39.80 -17.12
C ASP A 46 7.91 39.63 -18.00
N GLY A 47 6.73 39.77 -17.40
CA GLY A 47 5.46 39.62 -18.11
C GLY A 47 4.99 38.20 -18.45
N GLY A 48 5.72 37.18 -18.00
CA GLY A 48 5.24 35.81 -18.05
C GLY A 48 5.17 35.31 -16.64
N LEU A 49 4.98 34.02 -16.49
CA LEU A 49 5.09 33.37 -15.17
C LEU A 49 6.20 32.33 -15.17
N GLU A 50 6.81 32.14 -13.99
CA GLU A 50 7.72 31.04 -13.71
C GLU A 50 7.06 30.12 -12.69
N GLY A 51 7.04 28.82 -12.98
CA GLY A 51 6.40 27.79 -12.13
C GLY A 51 7.45 26.89 -11.50
N ALA A 52 7.34 26.62 -10.20
CA ALA A 52 8.23 25.64 -9.49
C ALA A 52 7.40 24.60 -8.74
N CYS A 53 7.82 23.36 -8.82
CA CYS A 53 7.02 22.26 -8.32
C CYS A 53 7.96 21.09 -7.98
N ASP A 54 7.55 20.25 -7.03
CA ASP A 54 8.31 19.08 -6.62
C ASP A 54 7.33 17.96 -6.64
N MET A 55 7.77 16.80 -7.11
CA MET A 55 6.86 15.71 -7.35
C MET A 55 7.60 14.43 -7.08
N ALA A 56 6.82 13.38 -6.80
CA ALA A 56 7.34 12.15 -6.30
C ALA A 56 6.65 10.98 -6.97
N LEU A 57 7.44 10.23 -7.74
CA LEU A 57 6.98 9.07 -8.47
C LEU A 57 7.16 7.87 -7.55
N LYS A 58 6.05 7.16 -7.31
CA LYS A 58 6.02 5.89 -6.58
C LYS A 58 6.73 4.80 -7.34
N LEU A 59 7.58 4.06 -6.64
CA LEU A 59 8.28 2.91 -7.20
C LEU A 59 7.61 1.62 -6.74
N VAL A 60 7.82 0.56 -7.51
CA VAL A 60 7.50 -0.81 -7.09
C VAL A 60 8.51 -1.15 -5.98
N GLY A 61 8.03 -1.81 -4.93
CA GLY A 61 8.84 -2.09 -3.74
C GLY A 61 8.99 -0.96 -2.74
N GLY A 62 8.09 0.02 -2.76
CA GLY A 62 8.17 1.16 -1.85
C GLY A 62 9.17 2.19 -2.33
N GLY A 63 9.12 3.38 -1.75
CA GLY A 63 10.06 4.42 -2.12
C GLY A 63 9.64 5.20 -3.35
N HIS A 64 10.37 6.28 -3.59
CA HIS A 64 9.95 7.34 -4.50
C HIS A 64 11.12 7.83 -5.30
N LEU A 65 10.79 8.41 -6.44
CA LEU A 65 11.77 9.12 -7.22
C LEU A 65 11.27 10.55 -7.27
N ASN A 66 12.07 11.45 -6.69
CA ASN A 66 11.75 12.85 -6.62
C ASN A 66 12.20 13.52 -7.87
N CYS A 67 11.41 14.47 -8.37
CA CYS A 67 11.88 15.41 -9.40
C CYS A 67 11.41 16.80 -9.07
N SER A 68 12.10 17.76 -9.68
CA SER A 68 11.69 19.13 -9.61
C SER A 68 11.39 19.62 -11.05
N LEU A 69 10.34 20.44 -11.18
CA LEU A 69 9.89 21.02 -12.42
C LEU A 69 10.13 22.53 -12.38
N GLU A 70 10.76 23.09 -13.41
CA GLU A 70 10.85 24.52 -13.57
C GLU A 70 10.22 24.89 -14.91
N THR A 71 9.10 25.59 -14.86
CA THR A 71 8.33 25.87 -16.07
C THR A 71 8.35 27.34 -16.37
N THR A 72 8.33 27.73 -17.64
CA THR A 72 8.18 29.16 -17.94
C THR A 72 6.96 29.35 -18.84
N TYR A 73 6.05 30.23 -18.45
CA TYR A 73 4.80 30.48 -19.21
C TYR A 73 4.77 31.85 -19.85
N ARG A 74 4.63 31.91 -21.16
CA ARG A 74 4.60 33.16 -21.93
C ARG A 74 3.27 33.32 -22.67
N SER A 75 2.66 34.50 -22.63
CA SER A 75 1.42 34.75 -23.36
C SER A 75 1.75 35.22 -24.76
N LYS A 76 0.95 34.75 -25.73
CA LYS A 76 1.02 35.28 -27.09
C LYS A 76 0.32 36.65 -27.24
N LYS A 77 -0.54 37.03 -26.29
CA LYS A 77 -1.15 38.38 -26.30
C LYS A 77 -0.17 39.47 -25.81
N PRO A 78 -0.23 40.71 -26.37
CA PRO A 78 0.54 41.88 -25.86
C PRO A 78 0.50 42.11 -24.33
N ALA A 79 1.57 42.67 -23.78
CA ALA A 79 1.70 42.87 -22.32
C ALA A 79 0.64 43.78 -21.71
N THR A 80 0.19 44.76 -22.49
CA THR A 80 -0.74 45.81 -22.03
C THR A 80 -2.20 45.36 -21.82
N ASN A 81 -2.60 44.25 -22.45
CA ASN A 81 -3.97 43.74 -22.32
C ASN A 81 -4.17 42.69 -21.23
N LEU A 82 -3.20 42.56 -20.34
CA LEU A 82 -3.13 41.44 -19.40
C LEU A 82 -2.92 41.96 -18.00
N LYS A 83 -3.81 41.60 -17.08
CA LYS A 83 -3.63 41.94 -15.68
C LYS A 83 -2.78 40.81 -15.04
N MET A 84 -1.56 41.15 -14.62
CA MET A 84 -0.66 40.15 -14.07
C MET A 84 -1.10 39.76 -12.67
N PRO A 85 -1.02 38.48 -12.32
CA PRO A 85 -1.29 38.15 -10.93
C PRO A 85 -0.11 38.44 -10.04
N GLY A 86 -0.34 38.39 -8.75
CA GLY A 86 0.75 38.24 -7.79
C GLY A 86 1.29 36.81 -7.85
N VAL A 87 2.10 36.48 -6.84
CA VAL A 87 2.61 35.15 -6.65
C VAL A 87 1.46 34.34 -6.12
N TYR A 88 1.31 33.10 -6.58
CA TYR A 88 0.28 32.23 -6.03
C TYR A 88 0.57 30.76 -6.27
N ASN A 89 -0.32 29.90 -5.85
CA ASN A 89 -0.09 28.49 -5.92
C ASN A 89 -1.22 27.89 -6.66
N VAL A 90 -0.91 26.83 -7.40
CA VAL A 90 -1.92 25.93 -7.91
C VAL A 90 -1.70 24.58 -7.32
N ASP A 91 -2.81 24.02 -6.85
CA ASP A 91 -2.90 22.68 -6.32
C ASP A 91 -3.51 21.79 -7.37
N HIS A 92 -2.83 20.67 -7.65
CA HIS A 92 -3.17 19.75 -8.73
C HIS A 92 -3.39 18.36 -8.16
N ARG A 93 -4.37 17.64 -8.70
CA ARG A 93 -4.58 16.22 -8.43
C ARG A 93 -4.84 15.49 -9.75
N LEU A 94 -3.84 14.73 -10.15
CA LEU A 94 -3.82 14.05 -11.42
C LEU A 94 -4.14 12.59 -11.13
N GLU A 95 -5.17 12.04 -11.77
CA GLU A 95 -5.53 10.64 -11.58
C GLU A 95 -5.70 9.81 -12.87
N ARG A 96 -5.47 8.51 -12.73
CA ARG A 96 -5.60 7.57 -13.82
C ARG A 96 -6.94 6.81 -13.70
N ILE A 97 -7.86 7.06 -14.63
CA ILE A 97 -9.19 6.44 -14.64
C ILE A 97 -9.19 5.15 -15.47
N LYS A 98 -8.36 5.08 -16.49
CA LYS A 98 -8.26 3.87 -17.27
C LYS A 98 -6.90 3.76 -17.91
N GLU A 99 -6.56 2.53 -18.24
CA GLU A 99 -5.36 2.22 -18.99
C GLU A 99 -5.49 0.87 -19.68
N ALA A 100 -4.76 0.72 -20.78
CA ALA A 100 -4.35 -0.59 -21.25
C ALA A 100 -3.13 -1.04 -20.41
N ASP A 101 -2.86 -2.35 -20.38
CA ASP A 101 -1.72 -2.94 -19.60
C ASP A 101 -0.40 -2.26 -19.99
N ASP A 102 -0.19 -2.24 -21.29
CA ASP A 102 0.94 -1.60 -22.00
C ASP A 102 1.01 -0.05 -21.98
N GLU A 103 0.05 0.59 -21.34
CA GLU A 103 -0.02 2.05 -21.21
C GLU A 103 -0.14 2.82 -22.53
N THR A 104 -0.71 2.22 -23.58
CA THR A 104 -0.88 2.89 -24.89
C THR A 104 -2.23 3.52 -25.07
N TYR A 105 -3.21 3.14 -24.25
CA TYR A 105 -4.44 3.95 -24.04
C TYR A 105 -4.49 4.33 -22.55
N VAL A 106 -4.57 5.63 -22.28
CA VAL A 106 -4.55 6.16 -20.93
C VAL A 106 -5.62 7.26 -20.87
N GLU A 107 -6.57 7.11 -19.97
CA GLU A 107 -7.55 8.15 -19.65
C GLU A 107 -7.15 8.84 -18.34
N LEU A 108 -6.72 10.11 -18.44
CA LEU A 108 -6.31 10.91 -17.26
C LEU A 108 -7.34 11.92 -16.83
N HIS A 109 -7.54 12.04 -15.52
CA HIS A 109 -8.36 13.11 -14.94
C HIS A 109 -7.48 14.04 -14.12
N GLU A 110 -7.74 15.34 -14.19
CA GLU A 110 -7.06 16.31 -13.36
C GLU A 110 -8.05 17.25 -12.69
N VAL A 111 -7.71 17.66 -11.47
CA VAL A 111 -8.31 18.82 -10.75
C VAL A 111 -7.25 19.89 -10.40
N ALA A 112 -7.47 21.14 -10.76
CA ALA A 112 -6.45 22.19 -10.54
C ALA A 112 -7.06 23.47 -10.01
N VAL A 113 -6.59 23.92 -8.84
CA VAL A 113 -7.19 25.08 -8.18
C VAL A 113 -6.14 26.07 -7.71
N ALA A 114 -6.38 27.32 -8.07
CA ALA A 114 -5.51 28.41 -7.66
C ALA A 114 -5.79 28.76 -6.20
N ARG A 115 -4.75 29.16 -5.47
CA ARG A 115 -4.87 29.46 -4.05
C ARG A 115 -4.00 30.64 -3.68
N TYR A 116 -4.35 31.26 -2.56
CA TYR A 116 -3.44 32.07 -1.73
C TYR A 116 -3.24 33.47 -2.29
N GLY A 127 -12.23 34.25 -11.57
CA GLY A 127 -10.92 34.92 -11.44
C GLY A 127 -10.70 35.88 -12.58
N SER A 128 -10.50 35.35 -13.78
CA SER A 128 -10.78 36.07 -15.02
C SER A 128 -11.79 35.23 -15.81
N VAL A 129 -12.55 35.91 -16.68
CA VAL A 129 -13.57 35.29 -17.52
C VAL A 129 -13.26 35.70 -18.96
N SER A 130 -12.78 34.76 -19.78
CA SER A 130 -12.62 35.00 -21.23
C SER A 130 -13.96 34.60 -21.86
N GLU A 131 -14.51 35.48 -22.68
CA GLU A 131 -15.78 35.23 -23.37
C GLU A 131 -15.57 34.00 -24.28
N LEU A 132 -14.35 33.89 -24.79
CA LEU A 132 -13.92 32.71 -25.55
C LEU A 132 -13.83 31.40 -24.78
N ILE A 133 -13.53 31.45 -23.48
CA ILE A 133 -13.44 30.24 -22.65
C ILE A 133 -14.76 30.04 -21.92
N LYS A 134 -15.44 28.95 -22.28
CA LYS A 134 -16.77 28.65 -21.78
C LYS A 134 -16.73 27.64 -20.68
N GLU A 135 -17.88 27.35 -20.11
CA GLU A 135 -17.98 26.44 -18.97
C GLU A 135 -17.68 24.97 -19.29
N ASN A 136 -17.92 24.58 -20.53
CA ASN A 136 -17.47 23.27 -21.04
C ASN A 136 -16.66 23.50 -22.28
N MET A 137 -15.39 23.12 -22.25
CA MET A 137 -14.53 23.29 -23.40
C MET A 137 -13.96 21.93 -23.78
N PRO A 138 -13.88 21.63 -25.08
CA PRO A 138 -13.14 20.46 -25.52
C PRO A 138 -11.71 20.83 -25.88
N MET A 139 -10.88 19.81 -26.01
CA MET A 139 -9.50 20.02 -26.25
C MET A 139 -8.98 18.89 -27.10
N LYS A 140 -7.90 19.16 -27.81
CA LYS A 140 -7.23 18.18 -28.67
C LYS A 140 -5.73 18.45 -28.61
N LEU A 141 -4.95 17.37 -28.55
CA LEU A 141 -3.51 17.46 -28.33
C LEU A 141 -2.77 16.56 -29.30
N TYR A 142 -1.62 17.06 -29.76
CA TYR A 142 -0.67 16.30 -30.56
C TYR A 142 0.66 16.41 -29.86
N MET A 143 1.23 15.26 -29.50
CA MET A 143 2.51 15.20 -28.83
C MET A 143 3.50 14.35 -29.61
N GLU A 144 4.70 14.91 -29.77
CA GLU A 144 5.76 14.24 -30.48
C GLU A 144 7.02 14.34 -29.66
N GLY A 145 7.85 13.31 -29.66
CA GLY A 145 9.07 13.40 -28.91
C GLY A 145 9.98 12.21 -28.83
N THR A 146 10.95 12.36 -27.95
CA THR A 146 12.06 11.47 -27.86
C THR A 146 12.38 11.32 -26.37
N VAL A 147 12.49 10.09 -25.89
CA VAL A 147 12.98 9.82 -24.53
C VAL A 147 14.12 8.81 -24.65
N ASN A 148 15.32 9.25 -24.27
CA ASN A 148 16.54 8.50 -24.42
C ASN A 148 16.63 7.98 -25.82
N ASN A 149 16.36 8.93 -26.75
CA ASN A 149 16.38 8.74 -28.18
C ASN A 149 15.31 7.86 -28.81
N HIS A 150 14.48 7.17 -28.02
CA HIS A 150 13.33 6.46 -28.56
C HIS A 150 12.21 7.44 -28.95
N HIS A 151 11.77 7.38 -30.22
CA HIS A 151 10.75 8.31 -30.79
C HIS A 151 9.35 7.80 -30.57
N PHE A 152 8.41 8.73 -30.34
CA PHE A 152 7.01 8.34 -30.13
C PHE A 152 6.06 9.46 -30.48
N LYS A 153 4.79 9.09 -30.55
CA LYS A 153 3.73 10.02 -30.77
C LYS A 153 2.52 9.59 -29.96
N CYS A 154 1.83 10.61 -29.43
CA CYS A 154 0.56 10.50 -28.75
C CYS A 154 -0.39 11.54 -29.29
N THR A 155 -1.67 11.21 -29.28
CA THR A 155 -2.74 12.14 -29.58
C THR A 155 -3.68 12.04 -28.43
N SER A 156 -4.49 13.08 -28.22
CA SER A 156 -5.61 12.96 -27.31
C SER A 156 -6.71 13.97 -27.55
N GLU A 157 -7.89 13.60 -27.06
CA GLU A 157 -9.00 14.51 -26.99
C GLU A 157 -9.72 14.40 -25.66
N GLY A 158 -10.42 15.45 -25.29
CA GLY A 158 -11.00 15.49 -23.97
C GLY A 158 -11.94 16.63 -23.77
N GLU A 159 -12.27 16.91 -22.52
CA GLU A 159 -13.08 18.08 -22.21
C GLU A 159 -12.94 18.43 -20.74
N GLY A 160 -13.45 19.59 -20.40
CA GLY A 160 -13.47 19.97 -19.03
C GLY A 160 -14.23 21.24 -18.78
N LYS A 161 -14.12 21.68 -17.55
CA LYS A 161 -14.87 22.80 -17.07
C LYS A 161 -13.79 23.74 -16.56
N PRO A 162 -13.38 24.74 -17.38
CA PRO A 162 -12.26 25.60 -17.03
C PRO A 162 -12.44 26.41 -15.77
N TYR A 163 -13.69 26.73 -15.42
CA TYR A 163 -13.97 27.58 -14.24
C TYR A 163 -14.15 26.76 -12.96
N GLU A 164 -14.47 25.47 -13.10
CA GLU A 164 -14.63 24.54 -11.98
C GLU A 164 -13.35 23.82 -11.69
N GLY A 165 -12.45 23.82 -12.66
CA GLY A 165 -11.08 23.37 -12.46
C GLY A 165 -10.83 21.92 -12.83
N THR A 166 -11.73 21.31 -13.60
CA THR A 166 -11.68 19.86 -13.86
C THR A 166 -11.49 19.57 -15.32
N GLN A 167 -10.92 18.41 -15.61
CA GLN A 167 -10.79 17.96 -17.00
C GLN A 167 -10.41 16.51 -17.16
N THR A 168 -10.80 15.96 -18.29
CA THR A 168 -10.54 14.58 -18.67
C THR A 168 -9.87 14.61 -20.02
N MET A 169 -8.89 13.75 -20.19
CA MET A 169 -8.16 13.63 -21.41
C MET A 169 -8.06 12.15 -21.72
N ARG A 170 -8.49 11.76 -22.91
CA ARG A 170 -8.30 10.39 -23.39
C ARG A 170 -7.10 10.34 -24.31
N ILE A 171 -6.01 9.69 -23.86
CA ILE A 171 -4.73 9.67 -24.58
C ILE A 171 -4.43 8.35 -25.31
N LYS A 172 -3.85 8.44 -26.50
CA LYS A 172 -3.35 7.31 -27.26
C LYS A 172 -1.90 7.55 -27.62
N VAL A 173 -1.12 6.48 -27.53
CA VAL A 173 0.19 6.42 -28.12
C VAL A 173 -0.03 5.83 -29.51
N VAL A 174 0.47 6.51 -30.54
CA VAL A 174 0.14 6.11 -31.92
C VAL A 174 1.34 5.65 -32.74
N GLU A 175 2.54 6.05 -32.33
CA GLU A 175 3.80 5.58 -32.89
C GLU A 175 4.78 5.39 -31.73
N GLY A 176 5.75 4.53 -31.91
CA GLY A 176 6.72 4.27 -30.88
C GLY A 176 6.25 3.45 -29.69
N GLY A 177 5.04 2.88 -29.74
CA GLY A 177 4.47 2.15 -28.62
C GLY A 177 4.53 0.66 -28.86
N PRO A 178 4.56 -0.19 -27.82
CA PRO A 178 4.52 0.23 -26.43
C PRO A 178 5.81 0.94 -26.07
N LEU A 179 5.68 2.00 -25.28
CA LEU A 179 6.81 2.86 -24.98
C LEU A 179 7.80 2.05 -24.14
N PRO A 180 9.11 2.24 -24.39
CA PRO A 180 10.14 1.64 -23.55
C PRO A 180 10.46 2.43 -22.27
N PHE A 181 9.51 3.21 -21.78
CA PHE A 181 9.64 3.91 -20.52
C PHE A 181 8.25 4.11 -19.94
N ALA A 182 8.18 4.36 -18.63
CA ALA A 182 6.94 4.64 -17.94
C ALA A 182 6.22 5.85 -18.52
N PHE A 183 4.91 5.71 -18.66
CA PHE A 183 4.07 6.77 -19.19
C PHE A 183 4.08 7.93 -18.20
N ASP A 184 4.25 7.58 -16.92
CA ASP A 184 4.22 8.55 -15.84
C ASP A 184 5.06 9.80 -16.12
N ILE A 185 6.24 9.66 -16.72
CA ILE A 185 7.08 10.82 -16.99
C ILE A 185 6.51 11.80 -18.01
N LEU A 186 5.50 11.39 -18.76
CA LEU A 186 4.80 12.31 -19.68
C LEU A 186 3.56 12.98 -19.08
N ALA A 187 3.13 12.60 -17.87
CA ALA A 187 1.82 13.06 -17.34
C ALA A 187 1.66 14.56 -17.35
N THR A 188 2.65 15.28 -16.83
CA THR A 188 2.57 16.74 -16.73
C THR A 188 2.64 17.50 -18.06
N SER A 189 2.88 16.79 -19.15
CA SER A 189 2.92 17.38 -20.46
C SER A 189 1.57 17.32 -21.19
N PHE A 190 0.57 16.68 -20.58
CA PHE A 190 -0.73 16.57 -21.16
C PHE A 190 -1.69 17.70 -20.75
N1 NRQ A 191 -2.04 18.06 -19.49
CE NRQ A 191 -5.27 17.04 -18.67
SD NRQ A 191 -4.53 15.77 -17.70
CG1 NRQ A 191 -3.32 16.76 -16.85
CB1 NRQ A 191 -1.91 16.68 -17.42
CA1 NRQ A 191 -1.50 17.96 -18.14
C1 NRQ A 191 -0.68 19.01 -17.43
N2 NRQ A 191 -0.41 18.93 -16.07
OH NRQ A 191 1.14 17.09 -9.78
CD2 NRQ A 191 0.21 18.33 -13.11
CE2 NRQ A 191 0.29 17.55 -11.96
CZ NRQ A 191 1.12 17.90 -10.89
CE1 NRQ A 191 1.87 19.09 -11.00
CD1 NRQ A 191 1.80 19.87 -12.17
CG2 NRQ A 191 0.96 19.50 -13.22
CB2 NRQ A 191 0.93 20.36 -14.44
CA2 NRQ A 191 0.33 20.01 -15.76
C2 NRQ A 191 0.51 20.70 -16.92
O2 NRQ A 191 1.20 21.78 -16.99
N3 NRQ A 191 -0.10 20.14 -17.93
CA3 NRQ A 191 -0.04 20.68 -19.29
C3 NRQ A 191 -1.20 21.57 -19.67
O3 NRQ A 191 -1.00 22.51 -20.45
N SER A 192 -2.41 21.30 -19.15
CA SER A 192 -3.70 21.89 -19.69
C SER A 192 -4.20 23.02 -18.77
N ARG A 193 -3.53 24.15 -18.95
CA ARG A 193 -3.52 25.25 -17.98
C ARG A 193 -4.76 26.14 -17.96
N THR A 194 -5.54 26.10 -19.01
CA THR A 194 -6.75 26.90 -19.08
C THR A 194 -7.80 26.36 -18.10
N PHE A 195 -7.64 25.08 -17.71
CA PHE A 195 -8.60 24.46 -16.78
C PHE A 195 -8.30 24.63 -15.30
N ILE A 196 -7.52 25.63 -14.92
CA ILE A 196 -7.23 25.86 -13.49
C ILE A 196 -8.29 26.77 -12.92
N LYS A 197 -8.95 26.33 -11.85
CA LYS A 197 -9.94 27.20 -11.22
C LYS A 197 -9.26 28.35 -10.47
N HIS A 198 -9.58 29.59 -10.84
CA HIS A 198 -9.00 30.78 -10.22
C HIS A 198 -10.07 31.53 -9.43
N PRO A 199 -9.87 31.76 -8.10
CA PRO A 199 -10.87 32.48 -7.33
C PRO A 199 -10.85 33.95 -7.70
N PRO A 200 -11.93 34.69 -7.35
CA PRO A 200 -12.13 36.02 -7.90
C PRO A 200 -10.95 36.95 -7.69
N GLY A 201 -10.24 36.77 -6.60
CA GLY A 201 -9.09 37.59 -6.31
C GLY A 201 -7.88 37.35 -7.17
N ILE A 202 -7.83 36.26 -7.95
CA ILE A 202 -6.59 35.92 -8.67
C ILE A 202 -6.76 36.04 -10.20
N PRO A 203 -6.09 37.04 -10.81
CA PRO A 203 -6.13 37.13 -12.26
C PRO A 203 -5.58 35.85 -12.90
N ASP A 204 -6.30 35.34 -13.91
CA ASP A 204 -6.03 34.05 -14.57
C ASP A 204 -5.36 34.35 -15.92
N PHE A 205 -4.04 34.42 -15.87
CA PHE A 205 -3.18 34.77 -17.04
C PHE A 205 -3.44 33.86 -18.24
N PHE A 206 -3.94 32.66 -17.96
CA PHE A 206 -4.15 31.67 -19.00
C PHE A 206 -5.41 31.95 -19.77
N LYS A 207 -6.51 32.20 -19.06
CA LYS A 207 -7.76 32.52 -19.73
C LYS A 207 -7.72 33.87 -20.49
N GLN A 208 -7.02 34.83 -19.90
CA GLN A 208 -6.83 36.15 -20.52
C GLN A 208 -6.03 36.13 -21.78
N SER A 209 -5.29 35.04 -22.04
CA SER A 209 -4.43 34.99 -23.21
C SER A 209 -5.16 34.82 -24.52
N PHE A 210 -6.37 34.29 -24.49
CA PHE A 210 -7.08 33.98 -25.71
C PHE A 210 -7.70 35.25 -26.32
N PRO A 211 -7.86 35.36 -27.64
CA PRO A 211 -7.78 34.26 -28.62
C PRO A 211 -6.38 33.66 -28.98
N GLU A 212 -5.32 34.45 -28.76
CA GLU A 212 -3.99 34.06 -29.22
C GLU A 212 -3.37 32.86 -28.48
N GLY A 213 -3.72 32.72 -27.21
CA GLY A 213 -3.25 31.62 -26.39
C GLY A 213 -1.90 31.93 -25.76
N PHE A 214 -1.17 30.86 -25.46
CA PHE A 214 0.07 30.95 -24.71
C PHE A 214 0.97 29.74 -24.93
N THR A 215 2.22 29.85 -24.50
CA THR A 215 3.18 28.74 -24.54
C THR A 215 3.74 28.44 -23.16
N TRP A 216 4.26 27.22 -23.00
CA TRP A 216 5.18 26.95 -21.92
C TRP A 216 6.37 26.10 -22.34
N GLU A 217 7.48 26.26 -21.63
CA GLU A 217 8.63 25.37 -21.70
C GLU A 217 8.97 24.93 -20.28
N ARG A 218 9.13 23.62 -20.08
CA ARG A 218 9.32 23.01 -18.76
C ARG A 218 10.57 22.18 -18.76
N VAL A 219 11.32 22.21 -17.67
CA VAL A 219 12.43 21.27 -17.46
C VAL A 219 12.13 20.51 -16.20
N THR A 220 11.99 19.21 -16.30
CA THR A 220 11.81 18.39 -15.12
C THR A 220 13.13 17.68 -14.92
N THR A 221 13.68 17.78 -13.71
CA THR A 221 14.97 17.17 -13.39
C THR A 221 14.74 16.11 -12.31
N TYR A 222 15.15 14.87 -12.56
CA TYR A 222 14.95 13.76 -11.59
C TYR A 222 16.17 13.45 -10.76
N GLU A 223 15.93 13.00 -9.53
CA GLU A 223 16.95 12.53 -8.57
C GLU A 223 18.17 11.86 -9.20
N ASP A 224 17.86 10.85 -10.01
CA ASP A 224 18.86 9.93 -10.58
C ASP A 224 19.47 10.48 -11.85
N GLY A 225 19.04 11.68 -12.28
CA GLY A 225 19.69 12.43 -13.33
C GLY A 225 18.95 12.38 -14.67
N GLY A 226 17.80 11.72 -14.73
CA GLY A 226 16.95 11.82 -15.93
C GLY A 226 16.44 13.25 -16.04
N VAL A 227 16.28 13.74 -17.26
CA VAL A 227 15.87 15.13 -17.51
C VAL A 227 14.88 15.12 -18.66
N LEU A 228 13.68 15.58 -18.38
CA LEU A 228 12.63 15.71 -19.36
C LEU A 228 12.27 17.18 -19.62
N THR A 229 12.57 17.66 -20.81
CA THR A 229 12.14 18.97 -21.24
C THR A 229 10.94 18.82 -22.18
N ALA A 230 10.10 19.85 -22.21
CA ALA A 230 8.95 19.87 -23.09
C ALA A 230 8.64 21.29 -23.47
N THR A 231 8.17 21.50 -24.69
CA THR A 231 7.63 22.79 -25.13
C THR A 231 6.22 22.53 -25.63
N GLN A 232 5.35 23.54 -25.45
CA GLN A 232 3.91 23.40 -25.68
C GLN A 232 3.31 24.71 -26.20
N ASP A 233 2.51 24.59 -27.25
CA ASP A 233 1.74 25.67 -27.77
C ASP A 233 0.28 25.36 -27.49
N THR A 234 -0.42 26.33 -26.90
CA THR A 234 -1.83 26.28 -26.70
C THR A 234 -2.47 27.34 -27.58
N SER A 235 -3.47 26.95 -28.37
CA SER A 235 -4.25 27.91 -29.16
C SER A 235 -5.73 27.54 -29.09
N LEU A 236 -6.56 28.34 -29.75
CA LEU A 236 -8.00 28.18 -29.69
C LEU A 236 -8.58 28.27 -31.09
N GLN A 237 -9.00 27.15 -31.66
CA GLN A 237 -9.57 27.07 -32.99
C GLN A 237 -11.05 26.81 -32.86
N ASP A 238 -11.85 27.86 -33.06
CA ASP A 238 -13.30 27.75 -33.17
C ASP A 238 -13.91 26.96 -32.04
N GLY A 239 -13.65 27.39 -30.82
CA GLY A 239 -14.28 26.80 -29.66
C GLY A 239 -13.63 25.52 -29.13
N CYS A 240 -12.50 25.11 -29.68
CA CYS A 240 -11.75 23.96 -29.17
C CYS A 240 -10.31 24.41 -28.93
N LEU A 241 -9.78 24.11 -27.75
CA LEU A 241 -8.39 24.30 -27.47
C LEU A 241 -7.52 23.26 -28.22
N ILE A 242 -6.37 23.71 -28.74
CA ILE A 242 -5.44 22.87 -29.49
C ILE A 242 -4.06 22.88 -28.83
N TYR A 243 -3.62 21.74 -28.33
CA TYR A 243 -2.35 21.63 -27.66
C TYR A 243 -1.37 21.00 -28.61
N ASN A 244 -0.21 21.63 -28.78
CA ASN A 244 0.87 21.05 -29.57
C ASN A 244 2.18 20.94 -28.78
N VAL A 245 2.61 19.71 -28.49
CA VAL A 245 3.70 19.56 -27.52
C VAL A 245 4.88 18.72 -28.05
N LYS A 246 6.07 19.21 -27.71
CA LYS A 246 7.34 18.60 -28.11
C LYS A 246 8.05 18.22 -26.83
N VAL A 247 8.52 16.97 -26.74
CA VAL A 247 9.17 16.40 -25.55
C VAL A 247 10.55 15.81 -25.88
N ARG A 248 11.58 16.21 -25.12
CA ARG A 248 12.92 15.67 -25.25
C ARG A 248 13.37 15.22 -23.87
N GLY A 249 13.31 13.91 -23.65
CA GLY A 249 13.78 13.26 -22.42
C GLY A 249 15.14 12.60 -22.64
N MET A 250 16.07 12.78 -21.69
CA MET A 250 17.48 12.36 -21.82
C MET A 250 18.05 11.89 -20.49
N ASN A 251 19.14 11.10 -20.56
CA ASN A 251 19.92 10.64 -19.39
C ASN A 251 19.15 9.91 -18.35
N PHE A 252 18.05 9.28 -18.75
CA PHE A 252 17.34 8.38 -17.86
C PHE A 252 18.15 7.11 -17.75
N PRO A 253 18.49 6.66 -16.51
CA PRO A 253 19.32 5.45 -16.33
C PRO A 253 18.70 4.24 -17.01
N ALA A 254 19.49 3.52 -17.81
CA ALA A 254 18.92 2.49 -18.67
C ALA A 254 18.28 1.34 -17.89
N ASN A 255 18.82 1.05 -16.69
CA ASN A 255 18.25 0.08 -15.75
C ASN A 255 17.54 0.72 -14.54
N GLY A 256 17.13 1.98 -14.67
CA GLY A 256 16.42 2.67 -13.61
C GLY A 256 14.94 2.37 -13.71
N PRO A 257 14.14 2.82 -12.72
CA PRO A 257 12.70 2.53 -12.69
C PRO A 257 11.88 3.17 -13.82
N VAL A 258 12.36 4.28 -14.39
CA VAL A 258 11.66 4.90 -15.49
C VAL A 258 11.81 4.03 -16.75
N MET A 259 13.05 3.86 -17.22
CA MET A 259 13.33 3.06 -18.42
C MET A 259 12.92 1.58 -18.32
N GLN A 260 12.79 1.06 -17.09
CA GLN A 260 12.36 -0.32 -16.86
C GLN A 260 10.90 -0.44 -16.44
N LYS A 261 10.12 0.64 -16.58
CA LYS A 261 8.68 0.64 -16.26
C LYS A 261 8.34 0.12 -14.86
N LYS A 262 9.04 0.62 -13.84
CA LYS A 262 8.84 0.24 -12.45
C LYS A 262 8.36 1.39 -11.55
N THR A 263 7.40 2.14 -12.10
CA THR A 263 6.75 3.27 -11.45
C THR A 263 5.29 2.95 -11.24
N LEU A 264 4.74 3.34 -10.08
CA LEU A 264 3.29 3.19 -9.74
C LEU A 264 2.51 4.53 -9.59
N GLY A 265 2.92 5.57 -10.32
CA GLY A 265 2.14 6.81 -10.42
C GLY A 265 2.65 7.86 -9.47
N TRP A 266 2.07 9.04 -9.54
CA TRP A 266 2.57 10.22 -8.81
C TRP A 266 1.85 10.39 -7.50
N GLU A 267 2.59 10.57 -6.42
CA GLU A 267 1.98 10.85 -5.11
C GLU A 267 1.28 12.22 -5.14
N ALA A 268 -0.01 12.22 -4.84
CA ALA A 268 -0.82 13.44 -4.81
C ALA A 268 -0.61 14.11 -3.45
N SER A 269 0.63 14.60 -3.26
CA SER A 269 1.09 15.18 -2.01
C SER A 269 2.46 15.86 -2.26
N ASN A 270 3.14 16.25 -1.18
CA ASN A 270 4.58 16.55 -1.19
C ASN A 270 5.22 15.65 -0.08
N GLY A 271 6.40 15.08 -0.34
CA GLY A 271 7.01 14.03 0.52
C GLY A 271 7.36 14.46 1.95
N GLN A 272 7.87 15.68 2.07
CA GLN A 272 8.10 16.36 3.32
C GLN A 272 7.10 17.52 3.36
N LEU A 273 6.75 17.98 4.55
CA LEU A 273 5.88 19.14 4.69
C LEU A 273 6.61 20.41 4.22
N THR A 274 5.92 21.18 3.40
CA THR A 274 6.38 22.49 2.97
C THR A 274 6.43 23.43 4.18
N GLU A 275 6.97 24.63 4.00
CA GLU A 275 7.00 25.63 5.09
C GLU A 275 5.60 26.14 5.33
N GLU A 276 4.84 26.37 4.24
CA GLU A 276 3.46 26.87 4.34
C GLU A 276 2.49 25.85 4.94
N GLN A 277 2.77 24.57 4.76
CA GLN A 277 2.06 23.54 5.52
C GLN A 277 2.38 23.61 7.04
N ILE A 278 3.66 23.69 7.36
CA ILE A 278 4.12 23.89 8.74
C ILE A 278 3.47 25.17 9.30
N ALA A 279 3.38 26.21 8.47
CA ALA A 279 2.77 27.49 8.91
C ALA A 279 1.29 27.31 9.16
N GLU A 280 0.58 26.69 8.20
CA GLU A 280 -0.84 26.36 8.33
C GLU A 280 -1.12 25.59 9.59
N PHE A 281 -0.33 24.53 9.81
CA PHE A 281 -0.56 23.64 10.95
C PHE A 281 -0.21 24.25 12.30
N LYS A 282 0.76 25.16 12.31
CA LYS A 282 1.04 25.92 13.51
C LYS A 282 -0.18 26.74 14.01
N GLU A 283 -0.99 27.29 13.09
CA GLU A 283 -2.23 28.01 13.47
C GLU A 283 -3.28 27.06 14.02
N ALA A 284 -3.45 25.92 13.32
CA ALA A 284 -4.36 24.89 13.79
C ALA A 284 -3.99 24.41 15.17
N PHE A 285 -2.68 24.34 15.46
CA PHE A 285 -2.21 24.06 16.81
C PHE A 285 -2.58 25.19 17.81
N SER A 286 -2.41 26.46 17.43
CA SER A 286 -2.74 27.62 18.30
C SER A 286 -4.18 27.63 18.79
N LEU A 287 -5.11 27.27 17.91
CA LEU A 287 -6.50 27.02 18.31
C LEU A 287 -6.63 26.25 19.63
N PHE A 288 -5.92 25.15 19.74
CA PHE A 288 -6.00 24.32 20.93
C PHE A 288 -5.23 24.89 22.10
N ASP A 289 -4.12 25.55 21.80
CA ASP A 289 -3.17 25.98 22.83
C ASP A 289 -3.61 27.26 23.51
N LYS A 290 -4.70 27.18 24.26
CA LYS A 290 -5.34 28.34 24.89
C LYS A 290 -4.47 29.22 25.79
N ASP A 291 -3.53 28.64 26.53
CA ASP A 291 -2.62 29.43 27.37
C ASP A 291 -1.30 29.76 26.65
N GLY A 292 -1.17 29.34 25.39
CA GLY A 292 0.07 29.50 24.64
C GLY A 292 1.34 28.96 25.29
N ASP A 293 1.25 27.93 26.14
CA ASP A 293 2.45 27.34 26.74
C ASP A 293 3.06 26.21 25.88
N GLY A 294 2.54 25.98 24.68
CA GLY A 294 3.04 24.95 23.77
C GLY A 294 2.69 23.50 24.04
N THR A 295 1.85 23.24 25.02
CA THR A 295 1.47 21.88 25.42
C THR A 295 -0.03 21.80 25.43
N ILE A 296 -0.59 20.76 24.84
CA ILE A 296 -2.03 20.62 24.84
C ILE A 296 -2.48 19.51 25.74
N THR A 297 -3.49 19.86 26.55
CA THR A 297 -4.05 18.97 27.56
C THR A 297 -5.46 18.62 27.17
N THR A 298 -6.01 17.62 27.86
CA THR A 298 -7.40 17.19 27.70
C THR A 298 -8.37 18.34 27.91
N LYS A 299 -8.06 19.18 28.88
CA LYS A 299 -8.85 20.39 29.15
C LYS A 299 -9.01 21.28 27.91
N GLU A 300 -7.88 21.53 27.24
CA GLU A 300 -7.82 22.42 26.08
C GLU A 300 -8.37 21.76 24.82
N LEU A 301 -8.12 20.47 24.66
CA LEU A 301 -8.81 19.70 23.62
C LEU A 301 -10.28 19.68 23.94
N GLY A 302 -10.61 19.48 25.20
CA GLY A 302 -11.99 19.52 25.68
C GLY A 302 -12.87 20.69 25.27
N THR A 303 -12.34 21.92 25.31
CA THR A 303 -13.18 23.09 24.97
C THR A 303 -13.46 23.06 23.49
N VAL A 304 -12.48 22.62 22.71
CA VAL A 304 -12.60 22.64 21.29
C VAL A 304 -13.61 21.57 20.91
N MET A 305 -13.46 20.37 21.45
CA MET A 305 -14.41 19.29 21.14
C MET A 305 -15.84 19.65 21.54
N ARG A 306 -15.98 20.30 22.69
CA ARG A 306 -17.29 20.69 23.16
C ARG A 306 -17.88 21.79 22.30
N SER A 307 -17.03 22.69 21.81
CA SER A 307 -17.49 23.74 20.93
C SER A 307 -18.00 23.22 19.59
N LEU A 308 -17.62 21.99 19.21
CA LEU A 308 -18.15 21.32 18.00
C LEU A 308 -19.39 20.43 18.27
N GLY A 309 -19.93 20.51 19.47
CA GLY A 309 -21.15 19.79 19.78
C GLY A 309 -20.89 18.50 20.48
N GLN A 310 -19.64 18.10 20.65
CA GLN A 310 -19.35 16.85 21.39
C GLN A 310 -19.35 17.22 22.84
N ASN A 311 -19.46 16.21 23.67
CA ASN A 311 -19.36 16.40 25.10
C ASN A 311 -18.65 15.17 25.70
N PRO A 312 -17.39 14.95 25.31
CA PRO A 312 -16.64 13.77 25.70
C PRO A 312 -16.14 13.74 27.12
N THR A 313 -15.94 12.53 27.65
CA THR A 313 -15.36 12.35 28.97
C THR A 313 -13.87 12.50 28.94
N GLU A 314 -13.32 12.65 30.13
CA GLU A 314 -11.92 12.83 30.37
C GLU A 314 -11.10 11.70 29.78
N ALA A 315 -11.63 10.47 29.92
CA ALA A 315 -11.03 9.23 29.39
C ALA A 315 -11.03 9.21 27.87
N GLU A 316 -12.13 9.68 27.27
CA GLU A 316 -12.22 9.80 25.81
C GLU A 316 -11.28 10.87 25.29
N LEU A 317 -11.15 11.99 26.02
CA LEU A 317 -10.21 13.03 25.62
C LEU A 317 -8.78 12.53 25.70
N GLN A 318 -8.49 11.74 26.75
CA GLN A 318 -7.19 11.12 26.90
C GLN A 318 -6.89 10.11 25.77
N ASP A 319 -7.86 9.28 25.39
CA ASP A 319 -7.70 8.42 24.20
C ASP A 319 -7.29 9.22 22.97
N MET A 320 -7.85 10.42 22.82
CA MET A 320 -7.51 11.27 21.66
C MET A 320 -6.09 11.83 21.76
N ILE A 321 -5.70 12.25 22.94
CA ILE A 321 -4.31 12.65 23.14
C ILE A 321 -3.34 11.46 23.04
N ASN A 322 -3.80 10.27 23.37
CA ASN A 322 -2.93 9.10 23.30
C ASN A 322 -2.44 8.75 21.90
N GLU A 323 -3.22 9.08 20.89
CA GLU A 323 -2.79 8.95 19.52
C GLU A 323 -1.60 9.88 19.20
N VAL A 324 -1.50 11.04 19.84
CA VAL A 324 -0.47 11.99 19.48
C VAL A 324 0.71 11.91 20.42
N ASP A 325 0.49 11.47 21.65
CA ASP A 325 1.48 11.60 22.69
C ASP A 325 2.49 10.47 22.68
N ALA A 326 3.47 10.55 21.80
CA ALA A 326 4.63 9.63 21.75
C ALA A 326 5.27 9.33 23.14
N ASP A 327 5.84 10.35 23.79
CA ASP A 327 6.63 10.18 25.03
C ASP A 327 5.84 9.88 26.34
N GLY A 328 4.53 9.61 26.24
CA GLY A 328 3.78 9.08 27.36
C GLY A 328 3.52 9.97 28.55
N ASP A 329 3.69 11.29 28.43
CA ASP A 329 3.45 12.20 29.58
C ASP A 329 2.06 12.86 29.68
N GLY A 330 1.10 12.37 28.91
CA GLY A 330 -0.32 12.75 29.04
C GLY A 330 -0.83 13.89 28.15
N THR A 331 0.09 14.70 27.63
CA THR A 331 -0.20 15.85 26.78
C THR A 331 0.48 15.64 25.43
N PHE A 332 0.28 16.58 24.50
CA PHE A 332 1.16 16.66 23.34
C PHE A 332 1.64 18.08 23.01
N ASP A 333 2.79 18.17 22.36
CA ASP A 333 3.34 19.47 21.96
C ASP A 333 3.20 19.64 20.42
N PHE A 334 3.81 20.69 19.86
CA PHE A 334 3.69 20.98 18.43
C PHE A 334 4.45 20.02 17.50
N PRO A 335 5.69 19.65 17.86
CA PRO A 335 6.37 18.65 17.02
C PRO A 335 5.60 17.32 16.87
N GLU A 336 5.00 16.82 17.94
CA GLU A 336 4.18 15.61 17.86
C GLU A 336 2.92 15.81 17.04
N PHE A 337 2.29 16.95 17.23
CA PHE A 337 1.17 17.32 16.39
C PHE A 337 1.51 17.33 14.87
N LEU A 338 2.61 17.99 14.53
CA LEU A 338 3.14 18.02 13.18
C LEU A 338 3.39 16.63 12.60
N THR A 339 3.98 15.76 13.40
CA THR A 339 4.32 14.43 12.95
C THR A 339 3.06 13.67 12.63
N MET A 340 2.03 13.86 13.44
CA MET A 340 0.74 13.23 13.17
C MET A 340 0.14 13.73 11.86
N MET A 341 0.29 15.01 11.57
CA MET A 341 -0.19 15.55 10.31
C MET A 341 0.62 15.04 9.11
N ALA A 342 1.94 14.92 9.27
CA ALA A 342 2.78 14.26 8.25
C ALA A 342 2.34 12.82 8.00
N ARG A 343 2.05 12.04 9.03
CA ARG A 343 1.57 10.64 8.86
C ARG A 343 0.26 10.60 8.08
N LYS A 344 -0.62 11.56 8.34
CA LYS A 344 -1.88 11.67 7.63
C LYS A 344 -1.68 12.14 6.18
N MET A 345 -0.71 13.01 5.91
CA MET A 345 -0.45 13.49 4.54
C MET A 345 0.15 12.40 3.67
N SER A 346 0.95 11.52 4.28
CA SER A 346 1.51 10.39 3.57
C SER A 346 0.53 9.24 3.50
N TYR A 347 -0.50 9.25 4.33
CA TYR A 347 -1.48 8.18 4.29
C TYR A 347 -2.65 8.67 3.41
N ARG A 348 -3.88 8.72 3.92
CA ARG A 348 -5.03 9.16 3.17
C ARG A 348 -6.20 9.42 4.13
N VAL A 349 -7.21 10.13 3.64
CA VAL A 349 -8.43 10.38 4.39
C VAL A 349 -9.32 9.16 4.27
N THR A 350 -9.75 8.62 5.41
CA THR A 350 -10.48 7.34 5.46
C THR A 350 -11.99 7.51 5.47
N GLU A 351 -12.69 6.41 5.17
CA GLU A 351 -14.17 6.40 5.16
C GLU A 351 -14.80 6.85 6.51
N GLU A 352 -14.21 6.40 7.61
CA GLU A 352 -14.62 6.80 8.94
C GLU A 352 -14.43 8.30 9.09
N GLU A 353 -13.24 8.80 8.72
CA GLU A 353 -12.96 10.23 8.81
C GLU A 353 -13.90 11.11 8.01
N ILE A 354 -14.27 10.67 6.81
CA ILE A 354 -15.32 11.34 6.03
C ILE A 354 -16.67 11.37 6.79
N ARG A 355 -17.11 10.26 7.38
CA ARG A 355 -18.38 10.27 8.12
C ARG A 355 -18.30 11.23 9.29
N GLU A 356 -17.21 11.12 10.06
CA GLU A 356 -16.96 12.00 11.18
C GLU A 356 -16.94 13.45 10.72
N ALA A 357 -16.30 13.72 9.60
CA ALA A 357 -16.24 15.11 9.13
C ALA A 357 -17.64 15.66 8.84
N PHE A 358 -18.51 14.81 8.27
CA PHE A 358 -19.89 15.21 7.92
C PHE A 358 -20.68 15.54 9.19
N ARG A 359 -20.61 14.66 10.18
CA ARG A 359 -21.31 14.88 11.45
C ARG A 359 -20.95 16.23 12.07
N VAL A 360 -19.67 16.56 12.02
CA VAL A 360 -19.15 17.82 12.57
C VAL A 360 -19.77 19.01 11.84
N PHE A 361 -19.75 18.96 10.52
CA PHE A 361 -20.37 20.00 9.74
C PHE A 361 -21.86 20.06 10.04
N ASP A 362 -22.53 18.91 10.13
CA ASP A 362 -23.99 18.87 10.33
C ASP A 362 -24.43 18.95 11.80
N LYS A 363 -24.21 20.11 12.42
CA LYS A 363 -24.42 20.26 13.88
C LYS A 363 -25.76 19.76 14.40
N ASP A 364 -26.85 19.95 13.65
CA ASP A 364 -28.19 19.55 14.15
C ASP A 364 -28.61 18.15 13.70
N GLY A 365 -27.65 17.39 13.15
CA GLY A 365 -27.83 15.98 12.85
C GLY A 365 -28.99 15.62 11.95
N ASN A 366 -29.49 16.58 11.17
CA ASN A 366 -30.62 16.33 10.26
C ASN A 366 -30.23 15.77 8.88
N GLY A 367 -28.94 15.54 8.66
CA GLY A 367 -28.42 15.04 7.39
C GLY A 367 -28.15 16.09 6.34
N TYR A 368 -28.21 17.38 6.68
CA TYR A 368 -28.01 18.42 5.70
C TYR A 368 -27.12 19.49 6.26
N ILE A 369 -26.03 19.82 5.56
CA ILE A 369 -25.11 20.86 5.97
C ILE A 369 -25.57 22.17 5.36
N GLY A 370 -26.04 23.08 6.21
CA GLY A 370 -26.55 24.39 5.75
C GLY A 370 -25.53 25.50 5.88
N ALA A 371 -25.88 26.66 5.35
CA ALA A 371 -25.00 27.81 5.39
C ALA A 371 -24.78 28.30 6.82
N ALA A 372 -25.83 28.21 7.62
CA ALA A 372 -25.75 28.67 8.99
C ALA A 372 -24.77 27.77 9.76
N GLU A 373 -24.87 26.46 9.56
CA GLU A 373 -23.96 25.52 10.25
C GLU A 373 -22.51 25.78 9.90
N LEU A 374 -22.28 26.12 8.64
CA LEU A 374 -20.92 26.39 8.16
C LEU A 374 -20.34 27.57 8.93
N ARG A 375 -21.16 28.57 9.19
CA ARG A 375 -20.70 29.77 9.90
C ARG A 375 -20.43 29.60 11.40
N HIS A 376 -21.20 28.71 12.03
CA HIS A 376 -20.94 28.35 13.42
C HIS A 376 -19.69 27.52 13.54
N VAL A 377 -19.52 26.54 12.63
CA VAL A 377 -18.37 25.63 12.64
C VAL A 377 -17.08 26.40 12.34
N MET A 378 -17.13 27.21 11.32
CA MET A 378 -16.10 28.19 10.95
C MET A 378 -15.56 28.98 12.13
N THR A 379 -16.47 29.40 13.00
CA THR A 379 -16.16 30.20 14.17
C THR A 379 -15.57 29.31 15.27
N ASP A 380 -16.05 28.09 15.37
CA ASP A 380 -15.56 27.12 16.33
C ASP A 380 -14.12 26.80 16.05
N LEU A 381 -13.74 26.80 14.78
CA LEU A 381 -12.39 26.42 14.36
C LEU A 381 -11.54 27.58 13.93
N GLY A 382 -11.92 28.79 14.29
CA GLY A 382 -11.09 29.97 14.03
C GLY A 382 -10.73 30.21 12.57
N GLU A 383 -11.72 30.09 11.68
CA GLU A 383 -11.58 30.40 10.25
C GLU A 383 -12.62 31.45 9.91
N LYS A 384 -12.38 32.24 8.88
CA LYS A 384 -13.32 33.29 8.50
C LYS A 384 -13.56 33.31 7.00
N LEU A 385 -14.79 33.00 6.62
CA LEU A 385 -15.24 33.09 5.25
C LEU A 385 -16.29 34.18 5.12
N THR A 386 -16.26 34.92 4.01
CA THR A 386 -17.35 35.84 3.68
C THR A 386 -18.57 35.05 3.25
N ASP A 387 -19.68 35.74 3.07
CA ASP A 387 -20.92 35.08 2.68
C ASP A 387 -20.88 34.59 1.22
N GLU A 388 -20.04 35.20 0.40
CA GLU A 388 -19.83 34.70 -0.97
C GLU A 388 -19.05 33.39 -0.96
N GLU A 389 -18.06 33.31 -0.06
CA GLU A 389 -17.26 32.10 0.14
C GLU A 389 -18.10 30.97 0.74
N VAL A 390 -18.94 31.30 1.71
CA VAL A 390 -19.82 30.31 2.34
C VAL A 390 -20.72 29.70 1.29
N ASP A 391 -21.34 30.55 0.47
CA ASP A 391 -22.28 30.09 -0.54
C ASP A 391 -21.64 29.40 -1.73
N GLU A 392 -20.45 29.83 -2.12
CA GLU A 392 -19.77 29.17 -3.21
C GLU A 392 -19.37 27.78 -2.77
N MET A 393 -18.89 27.66 -1.54
CA MET A 393 -18.50 26.38 -1.02
C MET A 393 -19.66 25.38 -1.02
N ILE A 394 -20.87 25.84 -0.72
CA ILE A 394 -22.04 24.96 -0.79
C ILE A 394 -22.44 24.68 -2.24
N ARG A 395 -22.70 25.73 -3.03
CA ARG A 395 -23.19 25.62 -4.42
C ARG A 395 -22.36 24.64 -5.24
N VAL A 396 -21.04 24.72 -5.10
CA VAL A 396 -20.11 23.78 -5.71
C VAL A 396 -20.43 22.32 -5.36
N ALA A 397 -20.67 21.99 -4.09
CA ALA A 397 -21.08 20.61 -3.73
C ALA A 397 -22.55 20.28 -4.04
N ASP A 398 -23.36 21.30 -4.26
CA ASP A 398 -24.81 21.14 -4.26
C ASP A 398 -25.37 20.74 -5.64
N ILE A 399 -25.46 19.44 -5.88
CA ILE A 399 -25.92 18.90 -7.16
C ILE A 399 -27.45 18.95 -7.31
N ASP A 400 -28.19 18.62 -6.26
CA ASP A 400 -29.66 18.71 -6.34
C ASP A 400 -30.22 20.15 -6.23
N GLY A 401 -29.37 21.14 -5.93
CA GLY A 401 -29.79 22.55 -5.95
C GLY A 401 -30.73 23.00 -4.84
N ASP A 402 -30.94 22.18 -3.81
CA ASP A 402 -31.75 22.62 -2.65
C ASP A 402 -31.03 23.65 -1.77
N GLY A 403 -29.77 23.95 -2.05
CA GLY A 403 -29.02 24.98 -1.33
C GLY A 403 -28.20 24.47 -0.15
N GLN A 404 -28.24 23.16 0.11
CA GLN A 404 -27.52 22.50 1.20
C GLN A 404 -26.74 21.27 0.71
N VAL A 405 -25.92 20.71 1.62
CA VAL A 405 -25.04 19.57 1.28
C VAL A 405 -25.44 18.34 2.10
N ASN A 406 -25.89 17.29 1.42
CA ASN A 406 -26.31 16.02 2.07
C ASN A 406 -25.17 15.04 2.04
N TYR A 407 -25.36 13.87 2.61
CA TYR A 407 -24.22 13.00 2.83
C TYR A 407 -23.60 12.63 1.51
N GLU A 408 -24.46 12.22 0.57
CA GLU A 408 -24.02 11.83 -0.76
C GLU A 408 -23.25 12.93 -1.48
N GLU A 409 -23.77 14.15 -1.46
CA GLU A 409 -23.05 15.29 -2.05
C GLU A 409 -21.66 15.45 -1.41
N PHE A 410 -21.61 15.39 -0.07
CA PHE A 410 -20.36 15.54 0.70
C PHE A 410 -19.30 14.53 0.29
N VAL A 411 -19.68 13.25 0.27
CA VAL A 411 -18.77 12.15 -0.08
C VAL A 411 -18.22 12.24 -1.52
N GLN A 412 -19.07 12.66 -2.46
CA GLN A 412 -18.63 12.96 -3.84
C GLN A 412 -17.53 14.03 -3.88
N MET A 413 -17.75 15.10 -3.14
CA MET A 413 -16.80 16.19 -3.08
C MET A 413 -15.49 15.72 -2.46
N MET A 414 -15.58 15.02 -1.33
CA MET A 414 -14.41 14.50 -0.61
C MET A 414 -13.64 13.46 -1.43
N THR A 415 -14.33 12.75 -2.31
CA THR A 415 -13.68 12.03 -3.42
C THR A 415 -13.74 12.93 -4.69
N ILE B 13 -10.14 -34.33 -14.30
CA ILE B 13 -8.85 -33.90 -14.93
C ILE B 13 -8.32 -32.66 -14.21
N PRO B 14 -7.15 -32.76 -13.55
CA PRO B 14 -6.63 -31.58 -12.83
C PRO B 14 -6.67 -30.29 -13.63
N SER B 15 -7.12 -29.21 -12.99
CA SER B 15 -7.00 -27.86 -13.56
C SER B 15 -5.52 -27.48 -13.65
N LEU B 16 -5.25 -26.44 -14.43
CA LEU B 16 -3.94 -25.76 -14.42
C LEU B 16 -3.48 -25.37 -13.03
N THR B 17 -4.39 -24.89 -12.20
CA THR B 17 -4.01 -24.38 -10.91
C THR B 17 -3.55 -25.55 -10.03
N THR B 18 -4.21 -26.69 -10.16
CA THR B 18 -3.77 -27.88 -9.47
C THR B 18 -2.39 -28.30 -9.94
N VAL B 19 -2.06 -28.05 -11.19
CA VAL B 19 -0.73 -28.40 -11.67
C VAL B 19 0.34 -27.41 -11.15
N ILE B 20 0.03 -26.13 -11.11
CA ILE B 20 0.93 -25.14 -10.48
C ILE B 20 1.04 -25.38 -8.96
N LEU B 21 -0.04 -25.84 -8.32
CA LEU B 21 -0.01 -26.21 -6.90
C LEU B 21 1.07 -27.30 -6.68
N VAL B 22 0.90 -28.40 -7.40
CA VAL B 22 1.76 -29.54 -7.33
C VAL B 22 3.15 -29.10 -7.62
N LYS B 23 3.35 -28.25 -8.63
CA LYS B 23 4.69 -27.74 -8.90
C LYS B 23 5.25 -26.89 -7.78
N SER B 24 4.42 -26.03 -7.18
CA SER B 24 4.89 -25.15 -6.12
C SER B 24 5.24 -25.91 -4.83
N MET B 25 4.53 -27.00 -4.59
CA MET B 25 4.83 -27.91 -3.48
C MET B 25 6.23 -28.55 -3.65
N LEU B 26 6.54 -28.97 -4.87
CA LEU B 26 7.86 -29.48 -5.18
C LEU B 26 8.88 -28.38 -5.04
N ARG B 27 8.57 -27.18 -5.48
CA ARG B 27 9.48 -26.07 -5.27
C ARG B 27 9.77 -25.82 -3.79
N LYS B 28 8.76 -25.96 -2.94
CA LYS B 28 9.02 -25.82 -1.50
C LYS B 28 9.39 -27.12 -0.79
N ARG B 29 9.58 -28.19 -1.54
CA ARG B 29 9.99 -29.48 -0.99
C ARG B 29 9.07 -29.82 0.17
N SER B 30 7.78 -29.75 -0.07
CA SER B 30 6.83 -29.94 1.01
C SER B 30 5.44 -30.29 0.47
N PHE B 31 4.75 -31.19 1.18
CA PHE B 31 3.34 -31.48 0.91
C PHE B 31 2.35 -30.51 1.62
N GLY B 32 2.85 -29.45 2.27
CA GLY B 32 1.98 -28.39 2.76
C GLY B 32 1.37 -27.53 1.67
N ASN B 33 0.49 -26.64 2.06
CA ASN B 33 -0.05 -25.62 1.19
C ASN B 33 1.11 -24.65 0.84
N PRO B 34 1.52 -24.59 -0.44
CA PRO B 34 2.62 -23.65 -0.77
C PRO B 34 2.19 -22.19 -0.92
N PHE B 35 0.88 -21.91 -0.92
CA PHE B 35 0.37 -20.55 -1.14
C PHE B 35 -0.03 -19.79 0.11
N LYS B 36 0.03 -20.43 1.27
CA LYS B 36 -0.51 -19.84 2.47
C LYS B 36 0.65 -19.62 3.39
N TYR B 37 1.43 -18.57 3.09
CA TYR B 37 2.56 -18.19 3.94
C TYR B 37 2.82 -16.73 3.77
N ASN B 38 3.50 -16.15 4.75
CA ASN B 38 3.93 -14.77 4.69
C ASN B 38 5.43 -14.74 4.93
N THR B 39 6.15 -14.05 4.05
CA THR B 39 7.58 -14.27 3.94
C THR B 39 8.42 -13.18 4.51
N GLU B 40 9.28 -13.54 5.46
CA GLU B 40 10.35 -12.67 5.92
C GLU B 40 11.65 -13.03 5.21
N THR B 41 12.50 -12.03 4.96
CA THR B 41 13.83 -12.21 4.40
C THR B 41 14.87 -11.81 5.44
N LEU B 42 15.93 -12.60 5.58
CA LEU B 42 16.95 -12.33 6.58
C LEU B 42 18.28 -12.11 5.90
N TYR B 43 18.99 -11.06 6.34
CA TYR B 43 20.28 -10.62 5.77
C TYR B 43 21.35 -10.63 6.86
N PRO B 44 22.50 -11.26 6.61
CA PRO B 44 23.53 -11.16 7.62
C PRO B 44 24.14 -9.76 7.60
N ALA B 45 24.32 -9.16 8.77
CA ALA B 45 24.85 -7.81 8.86
C ALA B 45 25.67 -7.70 10.13
N ASP B 46 26.88 -7.19 9.99
CA ASP B 46 27.95 -7.30 11.01
C ASP B 46 27.70 -8.27 12.19
N GLY B 47 27.71 -9.57 11.89
CA GLY B 47 27.57 -10.62 12.90
C GLY B 47 26.16 -10.91 13.41
N GLY B 48 25.15 -10.18 12.92
CA GLY B 48 23.76 -10.43 13.28
C GLY B 48 22.93 -10.57 12.01
N LEU B 49 21.62 -10.71 12.18
CA LEU B 49 20.72 -10.78 11.04
C LEU B 49 19.78 -9.59 11.03
N GLU B 50 19.35 -9.17 9.84
CA GLU B 50 18.28 -8.19 9.72
C GLU B 50 17.10 -8.81 8.99
N GLY B 51 15.94 -8.77 9.65
CA GLY B 51 14.68 -9.26 9.09
C GLY B 51 13.89 -8.11 8.51
N ALA B 52 13.36 -8.34 7.30
CA ALA B 52 12.42 -7.44 6.63
C ALA B 52 11.17 -8.23 6.27
N CYS B 53 9.98 -7.73 6.63
CA CYS B 53 8.74 -8.43 6.31
C CYS B 53 7.55 -7.50 6.12
N ASP B 54 6.68 -7.82 5.16
CA ASP B 54 5.45 -7.08 4.90
C ASP B 54 4.20 -7.94 5.24
N MET B 55 3.29 -7.38 6.03
CA MET B 55 2.12 -8.10 6.46
C MET B 55 0.87 -7.24 6.27
N ALA B 56 -0.27 -7.90 6.38
CA ALA B 56 -1.54 -7.34 6.01
C ALA B 56 -2.59 -7.87 6.97
N LEU B 57 -3.11 -6.95 7.77
CA LEU B 57 -4.10 -7.25 8.79
C LEU B 57 -5.47 -7.11 8.17
N LYS B 58 -6.29 -8.17 8.23
CA LYS B 58 -7.70 -8.11 7.77
C LYS B 58 -8.58 -7.24 8.65
N LEU B 59 -9.50 -6.51 8.03
CA LEU B 59 -10.36 -5.55 8.72
C LEU B 59 -11.80 -5.93 8.62
N VAL B 60 -12.59 -5.46 9.56
CA VAL B 60 -14.03 -5.56 9.45
C VAL B 60 -14.47 -4.80 8.18
N GLY B 61 -15.43 -5.38 7.46
CA GLY B 61 -15.86 -4.89 6.16
C GLY B 61 -14.98 -5.36 5.03
N GLY B 62 -14.01 -6.23 5.29
CA GLY B 62 -13.01 -6.61 4.28
C GLY B 62 -12.01 -5.49 4.04
N GLY B 63 -10.98 -5.78 3.26
CA GLY B 63 -9.86 -4.84 3.06
C GLY B 63 -8.85 -5.01 4.19
N HIS B 64 -7.74 -4.27 4.10
CA HIS B 64 -6.54 -4.59 4.83
C HIS B 64 -5.82 -3.38 5.32
N LEU B 65 -5.15 -3.54 6.47
CA LEU B 65 -4.17 -2.59 6.93
C LEU B 65 -2.75 -3.20 6.82
N ASN B 66 -1.92 -2.57 6.00
CA ASN B 66 -0.58 -3.06 5.70
C ASN B 66 0.40 -2.53 6.65
N CYS B 67 1.43 -3.32 6.95
CA CYS B 67 2.55 -2.86 7.75
C CYS B 67 3.86 -3.51 7.31
N SER B 68 4.98 -2.88 7.68
CA SER B 68 6.28 -3.44 7.40
C SER B 68 7.13 -3.60 8.68
N LEU B 69 7.78 -4.75 8.79
CA LEU B 69 8.61 -5.11 9.93
C LEU B 69 10.08 -4.97 9.57
N GLU B 70 10.82 -4.28 10.43
CA GLU B 70 12.28 -4.34 10.47
C GLU B 70 12.71 -4.90 11.83
N THR B 71 13.55 -5.92 11.82
CA THR B 71 14.03 -6.54 13.02
C THR B 71 15.54 -6.62 12.99
N THR B 72 16.20 -6.41 14.11
CA THR B 72 17.61 -6.76 14.22
C THR B 72 17.67 -7.94 15.19
N TYR B 73 18.35 -9.00 14.76
CA TYR B 73 18.68 -10.15 15.61
C TYR B 73 20.19 -10.10 15.95
N ARG B 74 20.48 -10.37 17.23
CA ARG B 74 21.83 -10.36 17.76
C ARG B 74 22.02 -11.55 18.71
N SER B 75 23.11 -12.27 18.51
CA SER B 75 23.42 -13.42 19.35
C SER B 75 24.22 -12.99 20.58
N LYS B 76 23.94 -13.62 21.72
CA LYS B 76 24.70 -13.38 22.97
C LYS B 76 25.90 -14.34 23.06
N LYS B 77 26.00 -15.25 22.10
CA LYS B 77 27.14 -16.17 21.99
C LYS B 77 28.22 -15.51 21.14
N PRO B 78 29.51 -15.60 21.56
CA PRO B 78 30.59 -14.98 20.76
C PRO B 78 30.62 -15.43 19.28
N ALA B 79 30.88 -14.46 18.38
CA ALA B 79 30.83 -14.66 16.92
C ALA B 79 31.65 -15.85 16.40
N THR B 80 32.80 -16.11 17.02
CA THR B 80 33.69 -17.24 16.61
C THR B 80 33.01 -18.63 16.69
N ASN B 81 31.99 -18.75 17.55
CA ASN B 81 31.25 -20.00 17.73
C ASN B 81 30.03 -20.15 16.81
N LEU B 82 29.76 -19.14 15.98
CA LEU B 82 28.62 -19.14 15.04
C LEU B 82 29.04 -19.26 13.59
N LYS B 83 28.34 -20.11 12.85
CA LYS B 83 28.42 -20.12 11.40
C LYS B 83 27.28 -19.27 10.82
N MET B 84 27.64 -18.13 10.24
CA MET B 84 26.65 -17.22 9.66
C MET B 84 26.01 -17.82 8.41
N PRO B 85 24.71 -17.59 8.20
CA PRO B 85 24.12 -17.94 6.92
C PRO B 85 24.29 -16.85 5.90
N GLY B 86 23.86 -17.13 4.70
CA GLY B 86 23.72 -16.12 3.69
C GLY B 86 22.32 -15.56 3.74
N VAL B 87 21.92 -14.94 2.64
CA VAL B 87 20.56 -14.42 2.53
C VAL B 87 19.63 -15.59 2.35
N TYR B 88 18.50 -15.53 3.06
CA TYR B 88 17.44 -16.52 2.94
C TYR B 88 16.08 -16.00 3.42
N ASN B 89 15.04 -16.78 3.16
CA ASN B 89 13.69 -16.41 3.53
C ASN B 89 13.13 -17.31 4.61
N VAL B 90 12.25 -16.76 5.43
CA VAL B 90 11.41 -17.58 6.28
C VAL B 90 9.95 -17.40 5.92
N ASP B 91 9.29 -18.52 5.66
CA ASP B 91 7.87 -18.53 5.36
C ASP B 91 7.15 -18.92 6.63
N HIS B 92 6.25 -18.03 7.04
CA HIS B 92 5.53 -18.10 8.29
C HIS B 92 4.08 -18.29 7.95
N ARG B 93 3.39 -19.08 8.78
CA ARG B 93 1.92 -19.06 8.86
C ARG B 93 1.56 -19.11 10.34
N LEU B 94 0.85 -18.07 10.77
CA LEU B 94 0.37 -17.94 12.14
C LEU B 94 -1.13 -18.23 12.14
N GLU B 95 -1.63 -19.02 13.09
CA GLU B 95 -3.09 -19.35 13.21
C GLU B 95 -3.61 -19.25 14.66
N ARG B 96 -4.79 -18.66 14.81
CA ARG B 96 -5.51 -18.67 16.08
C ARG B 96 -6.26 -19.99 16.24
N ILE B 97 -5.93 -20.76 17.27
CA ILE B 97 -6.55 -22.05 17.54
C ILE B 97 -7.75 -21.90 18.46
N LYS B 98 -7.62 -21.07 19.49
CA LYS B 98 -8.72 -20.80 20.45
C LYS B 98 -8.67 -19.39 21.04
N GLU B 99 -9.82 -18.97 21.52
CA GLU B 99 -10.05 -17.61 21.96
C GLU B 99 -11.13 -17.67 23.06
N ALA B 100 -10.91 -16.95 24.15
CA ALA B 100 -12.04 -16.47 24.95
C ALA B 100 -12.57 -15.24 24.14
N ASP B 101 -13.90 -15.06 24.00
CA ASP B 101 -14.47 -13.94 23.12
C ASP B 101 -13.71 -12.63 23.38
N ASP B 102 -13.67 -12.26 24.67
CA ASP B 102 -12.83 -11.21 25.30
C ASP B 102 -11.38 -10.97 24.76
N GLU B 103 -10.68 -12.04 24.38
CA GLU B 103 -9.26 -12.05 23.97
C GLU B 103 -8.29 -12.03 25.16
N THR B 104 -8.74 -12.45 26.34
CA THR B 104 -7.81 -12.56 27.50
C THR B 104 -7.15 -13.92 27.57
N TYR B 105 -7.74 -14.92 26.93
CA TYR B 105 -7.07 -16.19 26.61
C TYR B 105 -6.96 -16.32 25.09
N VAL B 106 -5.75 -16.54 24.58
CA VAL B 106 -5.56 -16.87 23.16
C VAL B 106 -4.55 -17.99 22.99
N GLU B 107 -4.91 -18.95 22.14
CA GLU B 107 -4.01 -20.02 21.81
C GLU B 107 -3.58 -19.86 20.38
N LEU B 108 -2.26 -19.74 20.21
CA LEU B 108 -1.61 -19.45 18.92
C LEU B 108 -0.81 -20.64 18.38
N HIS B 109 -1.00 -20.96 17.10
CA HIS B 109 -0.16 -21.95 16.43
C HIS B 109 0.68 -21.25 15.34
N GLU B 110 1.94 -21.67 15.23
CA GLU B 110 2.81 -21.17 14.17
C GLU B 110 3.62 -22.27 13.54
N VAL B 111 3.70 -22.21 12.23
CA VAL B 111 4.66 -23.00 11.51
C VAL B 111 5.60 -22.05 10.80
N ALA B 112 6.88 -22.40 10.80
CA ALA B 112 7.92 -21.54 10.22
C ALA B 112 9.03 -22.35 9.58
N VAL B 113 9.29 -22.07 8.31
CA VAL B 113 10.23 -22.83 7.50
C VAL B 113 11.18 -21.93 6.69
N ALA B 114 12.47 -22.05 6.95
CA ALA B 114 13.51 -21.37 6.15
C ALA B 114 13.67 -22.00 4.75
N ARG B 115 13.89 -21.14 3.73
CA ARG B 115 13.99 -21.51 2.30
C ARG B 115 15.10 -20.72 1.59
N TYR B 116 15.67 -21.30 0.53
CA TYR B 116 16.70 -20.63 -0.24
C TYR B 116 16.13 -19.46 -1.01
N VAL B 117 16.99 -18.48 -1.29
CA VAL B 117 16.75 -17.47 -2.31
C VAL B 117 17.76 -17.70 -3.43
N GLU B 131 22.04 -28.54 19.56
CA GLU B 131 22.17 -29.73 20.41
C GLU B 131 21.59 -29.60 21.84
N LEU B 132 21.59 -28.40 22.41
CA LEU B 132 20.74 -28.12 23.59
C LEU B 132 19.24 -28.01 23.19
N ILE B 133 18.99 -27.80 21.91
CA ILE B 133 17.64 -27.71 21.39
C ILE B 133 17.16 -29.11 20.97
N LYS B 134 16.37 -29.73 21.83
CA LYS B 134 15.73 -30.99 21.52
C LYS B 134 14.59 -30.86 20.49
N GLU B 135 14.05 -32.02 20.12
CA GLU B 135 13.05 -32.12 19.08
C GLU B 135 11.65 -31.77 19.58
N ASN B 136 11.46 -31.83 20.90
CA ASN B 136 10.36 -31.16 21.58
C ASN B 136 10.93 -30.25 22.68
N MET B 137 10.52 -28.98 22.67
CA MET B 137 11.03 -28.01 23.62
C MET B 137 9.83 -27.29 24.21
N PRO B 138 9.83 -27.09 25.53
CA PRO B 138 8.84 -26.21 26.12
C PRO B 138 9.24 -24.74 25.99
N MET B 139 8.29 -23.83 26.20
CA MET B 139 8.67 -22.44 26.44
C MET B 139 7.74 -21.66 27.36
N LYS B 140 8.28 -20.56 27.86
CA LYS B 140 7.52 -19.63 28.68
C LYS B 140 7.97 -18.22 28.38
N LEU B 141 7.01 -17.31 28.50
CA LEU B 141 7.21 -15.94 28.11
C LEU B 141 6.56 -15.03 29.11
N TYR B 142 7.21 -13.90 29.33
CA TYR B 142 6.60 -12.78 30.01
C TYR B 142 6.60 -11.57 29.06
N MET B 143 5.47 -10.91 28.91
CA MET B 143 5.40 -9.71 28.09
C MET B 143 4.82 -8.59 28.92
N GLU B 144 5.47 -7.44 28.85
CA GLU B 144 4.99 -6.22 29.47
C GLU B 144 5.12 -5.10 28.43
N GLY B 145 4.23 -4.10 28.46
CA GLY B 145 4.32 -2.95 27.57
C GLY B 145 3.15 -1.98 27.58
N THR B 146 3.27 -0.89 26.82
CA THR B 146 2.18 0.08 26.60
C THR B 146 1.85 0.18 25.11
N VAL B 147 0.57 0.30 24.79
CA VAL B 147 0.09 0.71 23.46
C VAL B 147 -0.79 1.94 23.65
N ASN B 148 -0.42 3.07 23.02
CA ASN B 148 -1.10 4.33 23.18
C ASN B 148 -1.30 4.67 24.68
N ASN B 149 -0.27 4.37 25.47
CA ASN B 149 -0.21 4.52 26.92
C ASN B 149 -1.09 3.61 27.75
N HIS B 150 -1.82 2.71 27.14
CA HIS B 150 -2.51 1.68 27.90
C HIS B 150 -1.51 0.58 28.29
N HIS B 151 -1.19 0.46 29.59
CA HIS B 151 -0.27 -0.58 30.09
CA HIS B 151 -0.26 -0.57 30.10
C HIS B 151 -0.92 -1.97 30.08
N PHE B 152 -0.13 -3.00 29.79
CA PHE B 152 -0.68 -4.37 29.86
C PHE B 152 0.45 -5.38 30.16
N LYS B 153 0.07 -6.58 30.54
CA LYS B 153 1.01 -7.69 30.63
C LYS B 153 0.33 -8.97 30.19
N CYS B 154 1.12 -9.84 29.56
CA CYS B 154 0.71 -11.18 29.18
C CYS B 154 1.71 -12.19 29.69
N THR B 155 1.24 -13.38 30.04
CA THR B 155 2.12 -14.53 30.14
C THR B 155 1.71 -15.51 29.10
N SER B 156 2.66 -16.37 28.75
CA SER B 156 2.36 -17.59 28.03
C SER B 156 3.33 -18.70 28.35
N GLU B 157 2.78 -19.91 28.26
CA GLU B 157 3.52 -21.17 28.36
C GLU B 157 3.20 -21.93 27.06
N GLY B 158 4.07 -22.82 26.61
CA GLY B 158 3.74 -23.57 25.41
C GLY B 158 4.69 -24.68 25.09
N GLU B 159 4.55 -25.25 23.90
CA GLU B 159 5.50 -26.23 23.38
C GLU B 159 5.53 -26.30 21.84
N GLY B 160 6.63 -26.83 21.31
CA GLY B 160 6.86 -26.96 19.89
C GLY B 160 7.97 -27.95 19.48
N LYS B 161 8.05 -28.15 18.18
CA LYS B 161 9.00 -29.07 17.57
C LYS B 161 10.05 -28.28 16.75
N PRO B 162 11.19 -27.92 17.37
CA PRO B 162 12.02 -26.89 16.73
C PRO B 162 12.60 -27.20 15.34
N TYR B 163 12.91 -28.46 15.07
CA TYR B 163 13.42 -28.84 13.74
C TYR B 163 12.29 -29.13 12.75
N GLU B 164 11.05 -29.32 13.24
CA GLU B 164 9.87 -29.35 12.35
C GLU B 164 9.24 -28.00 12.03
N GLY B 165 9.65 -26.96 12.76
CA GLY B 165 9.21 -25.61 12.51
C GLY B 165 7.88 -25.25 13.12
N THR B 166 7.39 -26.05 14.08
CA THR B 166 6.02 -25.88 14.58
C THR B 166 5.98 -25.56 16.06
N GLN B 167 4.96 -24.80 16.47
CA GLN B 167 4.79 -24.46 17.89
C GLN B 167 3.40 -24.00 18.27
N THR B 168 3.05 -24.28 19.53
CA THR B 168 1.78 -23.90 20.13
C THR B 168 2.09 -23.13 21.41
N MET B 169 1.36 -22.03 21.61
CA MET B 169 1.52 -21.17 22.78
C MET B 169 0.15 -20.68 23.27
N ARG B 170 -0.10 -20.88 24.56
CA ARG B 170 -1.36 -20.53 25.21
C ARG B 170 -1.08 -19.23 26.00
N ILE B 171 -1.71 -18.15 25.56
CA ILE B 171 -1.45 -16.79 26.06
C ILE B 171 -2.61 -16.36 26.95
N LYS B 172 -2.24 -15.77 28.10
CA LYS B 172 -3.19 -15.14 29.03
C LYS B 172 -2.84 -13.68 29.16
N VAL B 173 -3.82 -12.79 29.00
CA VAL B 173 -3.65 -11.39 29.35
C VAL B 173 -3.82 -11.36 30.85
N VAL B 174 -2.81 -10.88 31.56
CA VAL B 174 -2.83 -10.99 33.03
C VAL B 174 -3.19 -9.68 33.66
N GLU B 175 -2.54 -8.62 33.19
CA GLU B 175 -2.89 -7.28 33.59
C GLU B 175 -3.27 -6.47 32.34
N GLY B 176 -4.21 -5.54 32.50
CA GLY B 176 -4.54 -4.56 31.47
C GLY B 176 -5.63 -4.99 30.52
N GLY B 177 -6.36 -6.05 30.84
CA GLY B 177 -7.38 -6.63 29.95
C GLY B 177 -8.81 -6.51 30.45
N PRO B 178 -9.83 -6.73 29.60
CA PRO B 178 -9.67 -6.94 28.15
C PRO B 178 -8.94 -5.79 27.50
N LEU B 179 -8.06 -6.08 26.56
CA LEU B 179 -7.14 -5.07 26.06
C LEU B 179 -7.97 -4.02 25.36
N PRO B 180 -7.60 -2.72 25.47
CA PRO B 180 -8.35 -1.68 24.77
C PRO B 180 -7.90 -1.51 23.30
N PHE B 181 -7.18 -2.50 22.75
CA PHE B 181 -6.73 -2.52 21.34
C PHE B 181 -6.78 -3.96 20.82
N ALA B 182 -6.63 -4.09 19.51
CA ALA B 182 -6.55 -5.37 18.78
C ALA B 182 -5.33 -6.21 19.15
N PHE B 183 -5.59 -7.41 19.67
CA PHE B 183 -4.55 -8.36 20.05
C PHE B 183 -3.60 -8.77 18.89
N ASP B 184 -4.11 -8.69 17.67
CA ASP B 184 -3.34 -9.00 16.48
C ASP B 184 -2.04 -8.22 16.39
N ILE B 185 -1.98 -7.01 16.94
CA ILE B 185 -0.73 -6.25 16.89
C ILE B 185 0.35 -6.76 17.83
N LEU B 186 -0.01 -7.65 18.74
CA LEU B 186 0.97 -8.33 19.56
C LEU B 186 1.43 -9.69 19.00
N ALA B 187 0.81 -10.15 17.90
CA ALA B 187 0.95 -11.54 17.45
C ALA B 187 2.42 -11.94 17.27
N THR B 188 3.13 -11.11 16.50
CA THR B 188 4.52 -11.36 16.15
C THR B 188 5.49 -11.16 17.29
N SER B 189 5.04 -10.57 18.39
CA SER B 189 5.92 -10.39 19.51
C SER B 189 5.93 -11.63 20.39
N PHE B 190 5.08 -12.62 20.08
CA PHE B 190 5.05 -13.86 20.88
C PHE B 190 6.09 -14.93 20.50
N1 NRQ B 191 6.40 -15.35 19.24
CE NRQ B 191 4.17 -18.80 19.39
SD NRQ B 191 3.17 -18.17 18.10
CG1 NRQ B 191 4.45 -17.25 17.27
CB1 NRQ B 191 4.50 -15.75 17.58
CA1 NRQ B 191 5.91 -15.21 17.88
C1 NRQ B 191 6.80 -14.58 16.83
N2 NRQ B 191 6.45 -14.42 15.50
OH NRQ B 191 3.45 -13.95 9.51
CD2 NRQ B 191 5.28 -14.24 12.63
CE2 NRQ B 191 4.29 -14.36 11.66
CZ NRQ B 191 4.47 -13.79 10.40
CE1 NRQ B 191 5.67 -13.09 10.13
CD1 NRQ B 191 6.65 -12.98 11.13
CG2 NRQ B 191 6.48 -13.55 12.38
CB2 NRQ B 191 7.54 -13.41 13.41
CA2 NRQ B 191 7.47 -13.81 14.85
C2 NRQ B 191 8.44 -13.62 15.79
O2 NRQ B 191 9.56 -13.03 15.57
N3 NRQ B 191 8.09 -14.07 16.99
CA3 NRQ B 191 8.98 -13.91 18.17
C3 NRQ B 191 9.72 -15.13 18.70
O3 NRQ B 191 10.72 -14.96 19.43
N SER B 192 9.27 -16.34 18.32
CA SER B 192 9.84 -17.62 18.82
C SER B 192 10.67 -18.27 17.69
N ARG B 193 11.84 -17.68 17.50
CA ARG B 193 12.73 -17.91 16.36
C ARG B 193 13.46 -19.26 16.33
N THR B 194 13.61 -19.86 17.50
CA THR B 194 14.25 -21.13 17.70
C THR B 194 13.47 -22.27 17.02
N PHE B 195 12.16 -22.05 16.80
CA PHE B 195 11.27 -23.03 16.14
C PHE B 195 11.09 -22.74 14.65
N ILE B 196 12.13 -22.24 13.99
CA ILE B 196 12.10 -22.15 12.57
C ILE B 196 12.83 -23.37 12.02
N LYS B 197 12.21 -24.05 11.06
CA LYS B 197 12.81 -25.24 10.49
C LYS B 197 13.81 -24.82 9.45
N HIS B 198 15.07 -25.14 9.73
CA HIS B 198 16.14 -24.82 8.81
C HIS B 198 16.56 -26.03 8.07
N PRO B 199 16.67 -25.95 6.75
CA PRO B 199 17.31 -27.06 6.04
C PRO B 199 18.81 -27.13 6.30
N PRO B 200 19.42 -28.30 6.07
CA PRO B 200 20.82 -28.51 6.46
C PRO B 200 21.87 -27.53 5.89
N GLY B 201 21.64 -26.97 4.69
CA GLY B 201 22.59 -26.03 4.10
C GLY B 201 22.40 -24.56 4.49
N ILE B 202 21.36 -24.29 5.29
CA ILE B 202 21.17 -22.98 5.88
C ILE B 202 21.47 -23.11 7.36
N PRO B 203 22.67 -22.63 7.78
CA PRO B 203 23.02 -22.70 9.19
C PRO B 203 22.08 -21.83 10.01
N ASP B 204 21.76 -22.31 11.22
CA ASP B 204 20.65 -21.79 12.04
C ASP B 204 21.18 -20.86 13.18
N PHE B 205 21.22 -19.56 12.88
CA PHE B 205 21.64 -18.50 13.82
C PHE B 205 21.03 -18.65 15.20
N PHE B 206 19.77 -19.08 15.22
CA PHE B 206 18.98 -19.10 16.45
C PHE B 206 19.30 -20.32 17.26
N LYS B 207 19.39 -21.48 16.62
CA LYS B 207 19.71 -22.70 17.33
C LYS B 207 21.18 -22.71 17.76
N GLN B 208 22.08 -22.25 16.88
CA GLN B 208 23.50 -22.10 17.25
C GLN B 208 23.79 -21.13 18.40
N SER B 209 22.88 -20.20 18.68
CA SER B 209 23.07 -19.20 19.75
C SER B 209 23.14 -19.75 21.16
N PHE B 210 22.56 -20.92 21.36
CA PHE B 210 22.51 -21.51 22.69
C PHE B 210 23.83 -22.11 23.02
N PRO B 211 24.22 -22.23 24.29
CA PRO B 211 23.39 -21.96 25.52
C PRO B 211 23.04 -20.49 25.88
N GLU B 212 23.81 -19.53 25.37
CA GLU B 212 23.66 -18.10 25.70
C GLU B 212 22.38 -17.48 25.16
N GLY B 213 21.98 -17.88 23.96
CA GLY B 213 20.77 -17.35 23.36
C GLY B 213 21.03 -16.06 22.61
N PHE B 214 19.98 -15.30 22.42
CA PHE B 214 20.02 -14.17 21.51
C PHE B 214 18.98 -13.14 21.91
N THR B 215 19.00 -12.01 21.20
CA THR B 215 18.02 -10.94 21.38
C THR B 215 17.43 -10.59 20.02
N TRP B 216 16.24 -10.03 20.00
CA TRP B 216 15.80 -9.30 18.82
C TRP B 216 15.16 -7.98 19.21
N GLU B 217 15.21 -7.00 18.30
CA GLU B 217 14.43 -5.79 18.42
C GLU B 217 13.84 -5.42 17.07
N ARG B 218 12.65 -4.85 17.11
CA ARG B 218 11.81 -4.76 15.96
C ARG B 218 11.03 -3.48 15.96
N VAL B 219 10.88 -2.88 14.78
CA VAL B 219 9.97 -1.77 14.54
C VAL B 219 8.94 -2.23 13.50
N THR B 220 7.67 -2.34 13.90
CA THR B 220 6.58 -2.60 12.98
C THR B 220 5.93 -1.25 12.70
N THR B 221 5.69 -0.93 11.43
CA THR B 221 5.20 0.39 10.99
C THR B 221 3.97 0.11 10.19
N TYR B 222 2.86 0.72 10.56
CA TYR B 222 1.58 0.55 9.90
C TYR B 222 1.32 1.72 8.92
N GLU B 223 0.59 1.47 7.84
CA GLU B 223 0.29 2.53 6.83
C GLU B 223 -0.22 3.81 7.45
N ASP B 224 -1.09 3.67 8.46
CA ASP B 224 -1.72 4.83 9.14
C ASP B 224 -0.86 5.57 10.16
N GLY B 225 0.40 5.20 10.33
CA GLY B 225 1.30 5.89 11.25
C GLY B 225 1.54 5.19 12.58
N GLY B 226 0.69 4.21 12.91
CA GLY B 226 0.91 3.40 14.12
C GLY B 226 2.23 2.66 14.04
N VAL B 227 2.92 2.60 15.16
CA VAL B 227 4.24 1.99 15.23
C VAL B 227 4.27 1.15 16.47
N LEU B 228 4.51 -0.14 16.31
CA LEU B 228 4.74 -1.03 17.44
C LEU B 228 6.21 -1.38 17.45
N THR B 229 6.89 -1.12 18.56
CA THR B 229 8.30 -1.48 18.73
C THR B 229 8.37 -2.50 19.86
N ALA B 230 9.28 -3.46 19.72
CA ALA B 230 9.46 -4.54 20.70
C ALA B 230 10.93 -4.96 20.75
N THR B 231 11.32 -5.49 21.91
CA THR B 231 12.65 -5.95 22.20
C THR B 231 12.49 -7.22 23.04
N GLN B 232 13.45 -8.10 22.93
CA GLN B 232 13.21 -9.45 23.34
C GLN B 232 14.50 -10.14 23.68
N ASP B 233 14.45 -10.88 24.79
CA ASP B 233 15.53 -11.68 25.26
C ASP B 233 15.02 -13.10 25.16
N THR B 234 15.73 -13.93 24.42
CA THR B 234 15.50 -15.35 24.41
C THR B 234 16.68 -15.95 25.19
N SER B 235 16.40 -16.71 26.22
CA SER B 235 17.46 -17.42 26.95
C SER B 235 17.04 -18.86 27.16
N LEU B 236 17.97 -19.69 27.65
CA LEU B 236 17.67 -21.09 27.97
C LEU B 236 17.94 -21.43 29.43
N GLN B 237 16.94 -22.01 30.07
CA GLN B 237 17.09 -22.39 31.45
C GLN B 237 16.28 -23.63 31.80
N ASP B 238 16.96 -24.64 32.35
CA ASP B 238 16.37 -25.93 32.76
C ASP B 238 15.76 -26.63 31.59
N GLY B 239 16.39 -26.49 30.43
CA GLY B 239 15.81 -26.93 29.16
C GLY B 239 14.42 -26.37 28.86
N CYS B 240 14.17 -25.14 29.26
CA CYS B 240 12.95 -24.44 28.84
C CYS B 240 13.44 -23.16 28.18
N LEU B 241 12.86 -22.84 27.02
CA LEU B 241 13.06 -21.52 26.42
C LEU B 241 12.26 -20.48 27.19
N ILE B 242 12.97 -19.41 27.56
CA ILE B 242 12.42 -18.33 28.39
C ILE B 242 12.40 -17.08 27.52
N TYR B 243 11.25 -16.42 27.38
CA TYR B 243 11.17 -15.19 26.58
C TYR B 243 10.75 -13.98 27.39
N ASN B 244 11.36 -12.85 27.08
CA ASN B 244 11.13 -11.61 27.79
C ASN B 244 10.91 -10.52 26.78
N VAL B 245 9.74 -9.88 26.80
CA VAL B 245 9.35 -8.95 25.73
C VAL B 245 8.81 -7.61 26.28
N LYS B 246 9.48 -6.51 25.94
CA LYS B 246 8.95 -5.19 26.19
C LYS B 246 8.34 -4.67 24.88
N VAL B 247 7.13 -4.15 24.95
CA VAL B 247 6.40 -3.74 23.77
C VAL B 247 6.05 -2.26 23.94
N ARG B 248 6.26 -1.45 22.92
CA ARG B 248 5.90 -0.07 23.00
C ARG B 248 5.19 0.30 21.70
N GLY B 249 3.87 0.38 21.81
CA GLY B 249 3.00 0.79 20.72
C GLY B 249 2.61 2.26 20.81
N MET B 250 2.83 3.00 19.72
CA MET B 250 2.61 4.45 19.68
C MET B 250 1.91 4.89 18.39
N ASN B 251 1.15 5.98 18.53
CA ASN B 251 0.51 6.72 17.45
C ASN B 251 -0.45 5.93 16.60
N PHE B 252 -1.14 4.94 17.19
CA PHE B 252 -2.25 4.28 16.50
C PHE B 252 -3.39 5.27 16.56
N PRO B 253 -4.09 5.47 15.43
CA PRO B 253 -5.24 6.36 15.43
C PRO B 253 -6.33 5.89 16.37
N ALA B 254 -6.88 6.81 17.15
CA ALA B 254 -7.85 6.48 18.18
C ALA B 254 -9.12 5.88 17.63
N ASN B 255 -9.48 6.25 16.41
CA ASN B 255 -10.63 5.73 15.70
C ASN B 255 -10.26 4.77 14.57
N GLY B 256 -9.03 4.29 14.58
CA GLY B 256 -8.55 3.37 13.57
C GLY B 256 -8.95 1.98 13.99
N PRO B 257 -8.68 0.99 13.12
CA PRO B 257 -9.14 -0.36 13.44
C PRO B 257 -8.34 -1.08 14.55
N VAL B 258 -7.14 -0.62 14.85
CA VAL B 258 -6.37 -1.27 15.93
C VAL B 258 -7.01 -0.92 17.28
N MET B 259 -7.21 0.37 17.52
CA MET B 259 -7.75 0.84 18.80
C MET B 259 -9.25 0.50 18.96
N GLN B 260 -10.01 0.53 17.87
CA GLN B 260 -11.44 0.11 17.85
C GLN B 260 -11.72 -1.43 17.74
N LYS B 261 -10.67 -2.25 17.90
CA LYS B 261 -10.74 -3.71 17.76
C LYS B 261 -11.60 -4.17 16.56
N LYS B 262 -11.24 -3.72 15.37
CA LYS B 262 -12.03 -4.06 14.17
C LYS B 262 -11.12 -4.72 13.13
N THR B 263 -10.33 -5.67 13.63
CA THR B 263 -9.41 -6.46 12.83
C THR B 263 -9.81 -7.97 12.87
N LEU B 264 -9.48 -8.73 11.81
CA LEU B 264 -9.83 -10.17 11.73
C LEU B 264 -8.62 -11.10 11.50
N GLY B 265 -7.48 -10.77 12.10
CA GLY B 265 -6.26 -11.57 11.93
C GLY B 265 -5.45 -11.27 10.67
N TRP B 266 -4.26 -11.86 10.64
CA TRP B 266 -3.26 -11.55 9.64
C TRP B 266 -3.43 -12.36 8.37
N GLU B 267 -3.25 -11.73 7.21
CA GLU B 267 -3.33 -12.44 5.92
C GLU B 267 -2.13 -13.37 5.75
N ALA B 268 -2.39 -14.50 5.11
CA ALA B 268 -1.39 -15.52 4.85
C ALA B 268 -0.92 -15.37 3.42
N SER B 269 -0.36 -14.19 3.12
CA SER B 269 0.17 -13.84 1.80
C SER B 269 0.67 -12.39 1.83
N ASN B 270 0.54 -11.72 0.67
CA ASN B 270 0.28 -10.27 0.54
C ASN B 270 -0.83 -10.06 -0.52
N GLY B 271 -1.56 -8.94 -0.45
CA GLY B 271 -2.66 -8.65 -1.38
C GLY B 271 -2.22 -8.58 -2.84
N GLN B 272 -1.11 -7.87 -3.09
CA GLN B 272 -0.39 -7.87 -4.38
C GLN B 272 0.74 -8.89 -4.32
N LEU B 273 1.19 -9.30 -5.50
CA LEU B 273 2.22 -10.32 -5.62
C LEU B 273 3.64 -9.74 -5.62
N THR B 274 4.53 -10.42 -4.91
CA THR B 274 5.93 -10.02 -4.83
C THR B 274 6.63 -10.23 -6.18
N GLU B 275 7.87 -9.72 -6.27
CA GLU B 275 8.70 -9.88 -7.48
C GLU B 275 9.14 -11.33 -7.70
N GLU B 276 9.48 -12.05 -6.63
CA GLU B 276 9.99 -13.41 -6.78
C GLU B 276 8.85 -14.40 -7.03
N GLN B 277 7.69 -14.16 -6.41
CA GLN B 277 6.48 -14.93 -6.75
C GLN B 277 6.22 -14.78 -8.24
N ILE B 278 6.39 -13.57 -8.76
CA ILE B 278 6.25 -13.34 -10.20
C ILE B 278 7.31 -14.14 -10.98
N ALA B 279 8.54 -14.21 -10.46
CA ALA B 279 9.64 -14.95 -11.10
C ALA B 279 9.41 -16.45 -11.03
N GLU B 280 8.91 -16.93 -9.90
CA GLU B 280 8.48 -18.33 -9.76
C GLU B 280 7.40 -18.64 -10.77
N PHE B 281 6.42 -17.76 -10.84
CA PHE B 281 5.33 -17.98 -11.77
C PHE B 281 5.77 -17.88 -13.23
N LYS B 282 6.74 -17.02 -13.54
CA LYS B 282 7.37 -17.04 -14.86
C LYS B 282 8.07 -18.37 -15.15
N GLU B 283 8.78 -18.93 -14.16
CA GLU B 283 9.38 -20.26 -14.32
C GLU B 283 8.32 -21.30 -14.59
N ALA B 284 7.25 -21.28 -13.82
CA ALA B 284 6.16 -22.21 -14.04
C ALA B 284 5.65 -22.09 -15.48
N PHE B 285 5.41 -20.86 -15.91
CA PHE B 285 4.99 -20.59 -17.28
C PHE B 285 5.94 -21.24 -18.29
N SER B 286 7.25 -21.09 -18.09
CA SER B 286 8.30 -21.65 -18.98
C SER B 286 8.18 -23.12 -19.29
N LEU B 287 7.67 -23.88 -18.33
CA LEU B 287 7.50 -25.34 -18.49
C LEU B 287 6.57 -25.68 -19.65
N PHE B 288 5.57 -24.85 -19.81
CA PHE B 288 4.57 -25.00 -20.86
C PHE B 288 5.01 -24.34 -22.17
N ASP B 289 5.71 -23.20 -22.08
CA ASP B 289 6.08 -22.46 -23.30
C ASP B 289 7.23 -23.13 -24.07
N LYS B 290 6.90 -24.26 -24.72
CA LYS B 290 7.88 -25.16 -25.35
C LYS B 290 8.71 -24.51 -26.47
N ASP B 291 8.14 -23.55 -27.22
CA ASP B 291 8.89 -22.86 -28.30
C ASP B 291 9.47 -21.50 -27.89
N GLY B 292 9.04 -20.96 -26.73
CA GLY B 292 9.48 -19.64 -26.27
C GLY B 292 8.78 -18.47 -26.95
N ASP B 293 7.63 -18.71 -27.59
CA ASP B 293 6.95 -17.64 -28.29
C ASP B 293 6.08 -16.77 -27.39
N GLY B 294 5.91 -17.18 -26.13
CA GLY B 294 5.10 -16.44 -25.14
C GLY B 294 3.61 -16.78 -25.00
N THR B 295 3.16 -17.77 -25.75
CA THR B 295 1.75 -18.10 -25.92
C THR B 295 1.69 -19.57 -25.61
N ILE B 296 0.62 -20.03 -24.99
CA ILE B 296 0.47 -21.45 -24.66
C ILE B 296 -0.77 -22.07 -25.28
N THR B 297 -0.58 -23.16 -26.02
CA THR B 297 -1.63 -23.74 -26.87
C THR B 297 -2.13 -24.99 -26.20
N THR B 298 -3.16 -25.57 -26.78
CA THR B 298 -3.63 -26.90 -26.41
C THR B 298 -2.60 -27.97 -26.70
N LYS B 299 -1.69 -27.70 -27.65
CA LYS B 299 -0.64 -28.65 -28.01
C LYS B 299 0.36 -28.77 -26.86
N GLU B 300 0.65 -27.65 -26.20
CA GLU B 300 1.70 -27.58 -25.20
C GLU B 300 1.22 -27.99 -23.80
N LEU B 301 0.08 -27.46 -23.43
CA LEU B 301 -0.67 -27.93 -22.27
C LEU B 301 -0.91 -29.43 -22.37
N GLY B 302 -1.24 -29.92 -23.56
CA GLY B 302 -1.35 -31.36 -23.80
C GLY B 302 -0.13 -32.20 -23.39
N THR B 303 1.04 -31.78 -23.82
CA THR B 303 2.31 -32.43 -23.46
C THR B 303 2.49 -32.61 -21.94
N VAL B 304 2.30 -31.52 -21.22
CA VAL B 304 2.48 -31.50 -19.79
C VAL B 304 1.41 -32.36 -19.12
N MET B 305 0.16 -32.22 -19.53
CA MET B 305 -0.93 -33.07 -18.95
C MET B 305 -0.74 -34.56 -19.27
N ARG B 306 -0.29 -34.85 -20.48
CA ARG B 306 -0.05 -36.24 -20.85
C ARG B 306 1.06 -36.81 -20.04
N SER B 307 2.11 -36.01 -19.84
CA SER B 307 3.22 -36.40 -18.99
C SER B 307 2.85 -36.54 -17.50
N LEU B 308 1.75 -35.94 -17.04
CA LEU B 308 1.24 -36.30 -15.72
C LEU B 308 0.28 -37.47 -15.78
N GLY B 309 0.34 -38.27 -16.84
CA GLY B 309 -0.47 -39.47 -16.93
C GLY B 309 -1.94 -39.26 -17.22
N GLN B 310 -2.35 -38.04 -17.55
CA GLN B 310 -3.67 -37.82 -18.09
C GLN B 310 -3.53 -38.00 -19.59
N ASN B 311 -4.63 -37.88 -20.31
CA ASN B 311 -4.60 -37.99 -21.75
C ASN B 311 -5.84 -37.32 -22.32
N PRO B 312 -5.97 -36.03 -22.08
CA PRO B 312 -7.21 -35.33 -22.37
C PRO B 312 -7.49 -35.17 -23.85
N THR B 313 -8.77 -35.10 -24.20
CA THR B 313 -9.19 -34.75 -25.57
C THR B 313 -8.92 -33.27 -25.87
N GLU B 314 -9.04 -32.90 -27.13
CA GLU B 314 -8.79 -31.54 -27.56
C GLU B 314 -9.71 -30.55 -26.83
N ALA B 315 -10.97 -30.96 -26.70
CA ALA B 315 -12.02 -30.14 -26.09
C ALA B 315 -11.72 -29.91 -24.60
N GLU B 316 -11.31 -30.98 -23.92
CA GLU B 316 -10.95 -30.92 -22.52
C GLU B 316 -9.75 -29.98 -22.34
N LEU B 317 -8.76 -30.09 -23.22
CA LEU B 317 -7.64 -29.16 -23.15
C LEU B 317 -8.11 -27.74 -23.40
N GLN B 318 -8.99 -27.54 -24.38
CA GLN B 318 -9.50 -26.22 -24.69
C GLN B 318 -10.23 -25.61 -23.48
N ASP B 319 -11.06 -26.44 -22.82
CA ASP B 319 -11.77 -26.05 -21.59
C ASP B 319 -10.81 -25.61 -20.47
N MET B 320 -9.67 -26.29 -20.34
CA MET B 320 -8.66 -25.86 -19.37
C MET B 320 -8.03 -24.54 -19.74
N ILE B 321 -7.85 -24.31 -21.04
CA ILE B 321 -7.32 -23.02 -21.55
C ILE B 321 -8.36 -21.92 -21.49
N ASN B 322 -9.64 -22.30 -21.60
CA ASN B 322 -10.74 -21.32 -21.58
C ASN B 322 -10.91 -20.62 -20.26
N GLU B 323 -10.50 -21.26 -19.18
CA GLU B 323 -10.41 -20.67 -17.85
C GLU B 323 -9.45 -19.50 -17.79
N VAL B 324 -8.26 -19.67 -18.36
CA VAL B 324 -7.19 -18.66 -18.25
C VAL B 324 -7.42 -17.54 -19.21
N ASP B 325 -7.77 -17.93 -20.44
CA ASP B 325 -7.96 -17.03 -21.58
C ASP B 325 -8.97 -15.92 -21.24
N ALA B 326 -8.54 -14.68 -21.42
CA ALA B 326 -9.38 -13.54 -21.10
C ALA B 326 -9.83 -12.73 -22.31
N ASP B 327 -9.39 -13.10 -23.53
CA ASP B 327 -9.80 -12.37 -24.74
C ASP B 327 -10.06 -13.30 -25.91
N GLY B 328 -10.85 -14.33 -25.65
CA GLY B 328 -11.37 -15.18 -26.71
C GLY B 328 -10.47 -15.99 -27.65
N ASP B 329 -9.17 -15.71 -27.73
CA ASP B 329 -8.35 -16.28 -28.81
C ASP B 329 -8.04 -17.77 -28.70
N GLY B 330 -8.34 -18.36 -27.55
CA GLY B 330 -8.10 -19.80 -27.31
C GLY B 330 -6.68 -20.20 -26.97
N THR B 331 -5.79 -19.22 -26.78
CA THR B 331 -4.47 -19.43 -26.17
C THR B 331 -4.38 -18.60 -24.88
N PHE B 332 -3.34 -18.81 -24.09
CA PHE B 332 -3.01 -17.85 -23.03
C PHE B 332 -1.53 -17.48 -23.01
N ASP B 333 -1.26 -16.29 -22.50
CA ASP B 333 0.08 -15.75 -22.40
C ASP B 333 0.36 -15.55 -20.91
N PHE B 334 1.53 -15.02 -20.60
CA PHE B 334 1.97 -14.94 -19.23
C PHE B 334 1.18 -13.95 -18.35
N PRO B 335 0.83 -12.76 -18.88
CA PRO B 335 -0.06 -11.89 -18.09
C PRO B 335 -1.35 -12.56 -17.64
N GLU B 336 -2.00 -13.30 -18.53
CA GLU B 336 -3.23 -14.01 -18.18
C GLU B 336 -2.98 -15.15 -17.22
N PHE B 337 -1.85 -15.82 -17.38
CA PHE B 337 -1.46 -16.88 -16.44
C PHE B 337 -1.27 -16.27 -15.06
N LEU B 338 -0.50 -15.19 -15.01
CA LEU B 338 -0.12 -14.50 -13.79
C LEU B 338 -1.32 -13.97 -12.99
N THR B 339 -2.21 -13.28 -13.70
CA THR B 339 -3.51 -12.89 -13.21
C THR B 339 -4.23 -14.05 -12.52
N MET B 340 -4.26 -15.21 -13.17
CA MET B 340 -4.97 -16.38 -12.65
C MET B 340 -4.40 -16.90 -11.32
N MET B 341 -3.08 -16.84 -11.20
CA MET B 341 -2.42 -17.24 -9.97
C MET B 341 -2.51 -16.15 -8.91
N ALA B 342 -2.72 -14.92 -9.33
CA ALA B 342 -3.07 -13.83 -8.39
C ALA B 342 -4.44 -14.12 -7.78
N ARG B 343 -5.45 -14.33 -8.63
CA ARG B 343 -6.80 -14.64 -8.17
C ARG B 343 -6.82 -15.84 -7.24
N LYS B 344 -6.07 -16.88 -7.60
CA LYS B 344 -5.92 -18.07 -6.74
C LYS B 344 -5.28 -17.76 -5.39
N MET B 345 -4.30 -16.84 -5.38
CA MET B 345 -3.58 -16.42 -4.16
C MET B 345 -4.48 -15.73 -3.12
N SER B 346 -5.28 -14.78 -3.57
CA SER B 346 -6.25 -14.08 -2.73
C SER B 346 -7.64 -14.75 -2.69
N TYR B 347 -7.73 -16.02 -3.07
CA TYR B 347 -8.89 -16.86 -2.76
C TYR B 347 -8.23 -17.99 -1.92
N ARG B 348 -8.73 -19.23 -1.97
CA ARG B 348 -8.08 -20.36 -1.29
C ARG B 348 -7.86 -21.59 -2.21
N VAL B 349 -7.12 -22.57 -1.70
CA VAL B 349 -7.04 -23.90 -2.30
C VAL B 349 -8.28 -24.71 -1.85
N THR B 350 -8.99 -25.32 -2.80
CA THR B 350 -10.23 -26.02 -2.50
C THR B 350 -10.03 -27.47 -2.12
N GLU B 351 -11.10 -28.04 -1.55
CA GLU B 351 -11.23 -29.46 -1.30
C GLU B 351 -11.05 -30.28 -2.60
N GLU B 352 -11.51 -29.75 -3.73
CA GLU B 352 -11.36 -30.42 -5.03
C GLU B 352 -9.90 -30.37 -5.52
N GLU B 353 -9.28 -29.20 -5.47
CA GLU B 353 -7.89 -29.07 -5.82
C GLU B 353 -6.98 -29.96 -5.00
N ILE B 354 -7.30 -30.21 -3.73
CA ILE B 354 -6.47 -31.10 -2.91
C ILE B 354 -6.57 -32.54 -3.43
N ARG B 355 -7.80 -33.02 -3.63
CA ARG B 355 -8.04 -34.36 -4.16
C ARG B 355 -7.40 -34.54 -5.55
N GLU B 356 -7.30 -33.46 -6.31
CA GLU B 356 -6.68 -33.50 -7.62
C GLU B 356 -5.15 -33.60 -7.47
N ALA B 357 -4.58 -32.80 -6.58
CA ALA B 357 -3.15 -32.78 -6.41
C ALA B 357 -2.64 -34.12 -5.91
N PHE B 358 -3.41 -34.80 -5.06
CA PHE B 358 -3.05 -36.14 -4.60
C PHE B 358 -2.99 -37.11 -5.77
N ARG B 359 -4.07 -37.12 -6.55
CA ARG B 359 -4.20 -37.96 -7.75
C ARG B 359 -3.01 -37.83 -8.70
N VAL B 360 -2.48 -36.61 -8.87
CA VAL B 360 -1.30 -36.33 -9.70
C VAL B 360 -0.02 -36.85 -9.04
N PHE B 361 0.19 -36.59 -7.76
CA PHE B 361 1.25 -37.28 -7.06
C PHE B 361 1.13 -38.82 -7.16
N ASP B 362 -0.06 -39.37 -6.93
CA ASP B 362 -0.21 -40.83 -6.84
C ASP B 362 -0.32 -41.48 -8.24
N LYS B 363 0.78 -41.51 -8.99
CA LYS B 363 0.71 -41.91 -10.41
C LYS B 363 -0.05 -43.22 -10.71
N ASP B 364 0.09 -44.25 -9.87
CA ASP B 364 -0.57 -45.52 -10.15
C ASP B 364 -1.97 -45.64 -9.54
N GLY B 365 -2.39 -44.65 -8.75
CA GLY B 365 -3.69 -44.69 -8.08
C GLY B 365 -3.89 -45.71 -6.99
N ASN B 366 -2.81 -46.25 -6.41
CA ASN B 366 -2.96 -47.25 -5.34
C ASN B 366 -3.28 -46.66 -4.00
N GLY B 367 -3.23 -45.34 -3.88
CA GLY B 367 -3.55 -44.66 -2.64
C GLY B 367 -2.35 -44.25 -1.81
N TYR B 368 -1.16 -44.37 -2.39
CA TYR B 368 0.08 -44.05 -1.69
C TYR B 368 1.05 -43.38 -2.63
N ILE B 369 1.54 -42.19 -2.27
CA ILE B 369 2.57 -41.48 -3.00
C ILE B 369 3.89 -42.01 -2.50
N GLY B 370 4.69 -42.57 -3.41
CA GLY B 370 5.99 -43.15 -3.10
C GLY B 370 7.09 -42.34 -3.75
N ALA B 371 8.27 -42.44 -3.18
CA ALA B 371 9.43 -41.68 -3.65
C ALA B 371 9.65 -41.79 -5.18
N ALA B 372 9.35 -42.94 -5.77
CA ALA B 372 9.53 -43.10 -7.22
C ALA B 372 8.50 -42.22 -7.95
N GLU B 373 7.24 -42.34 -7.55
CA GLU B 373 6.18 -41.49 -8.10
C GLU B 373 6.49 -40.01 -7.92
N LEU B 374 6.98 -39.65 -6.74
CA LEU B 374 7.43 -38.28 -6.50
C LEU B 374 8.58 -37.82 -7.43
N ARG B 375 9.51 -38.71 -7.71
CA ARG B 375 10.65 -38.38 -8.56
C ARG B 375 10.28 -38.34 -10.02
N HIS B 376 9.24 -39.07 -10.40
CA HIS B 376 8.72 -38.93 -11.78
C HIS B 376 8.02 -37.58 -11.97
N VAL B 377 7.20 -37.19 -10.98
CA VAL B 377 6.45 -35.97 -11.04
C VAL B 377 7.39 -34.80 -11.04
N MET B 378 8.43 -34.83 -10.22
CA MET B 378 9.33 -33.67 -10.21
C MET B 378 9.95 -33.44 -11.57
N THR B 379 10.25 -34.53 -12.29
CA THR B 379 10.83 -34.50 -13.62
C THR B 379 9.81 -33.99 -14.64
N ASP B 380 8.57 -34.50 -14.58
CA ASP B 380 7.45 -33.99 -15.35
C ASP B 380 7.35 -32.49 -15.26
N LEU B 381 7.48 -31.97 -14.05
CA LEU B 381 7.16 -30.57 -13.77
C LEU B 381 8.36 -29.68 -13.64
N GLY B 382 9.53 -30.18 -14.10
CA GLY B 382 10.74 -29.38 -14.29
C GLY B 382 11.39 -28.93 -13.01
N GLU B 383 11.37 -29.80 -12.02
CA GLU B 383 11.84 -29.50 -10.65
C GLU B 383 12.82 -30.56 -10.29
N LYS B 384 13.90 -30.22 -9.61
CA LYS B 384 14.87 -31.24 -9.22
C LYS B 384 15.09 -31.24 -7.73
N LEU B 385 14.90 -32.38 -7.11
CA LEU B 385 15.16 -32.50 -5.68
C LEU B 385 16.25 -33.51 -5.53
N THR B 386 17.20 -33.21 -4.65
CA THR B 386 18.18 -34.20 -4.23
C THR B 386 17.44 -35.26 -3.44
N ASP B 387 18.13 -36.34 -3.15
CA ASP B 387 17.55 -37.46 -2.40
C ASP B 387 17.30 -37.09 -0.93
N GLU B 388 18.17 -36.28 -0.36
CA GLU B 388 17.98 -35.76 1.00
C GLU B 388 16.68 -34.90 1.06
N GLU B 389 16.40 -34.17 -0.03
CA GLU B 389 15.15 -33.41 -0.20
C GLU B 389 13.89 -34.26 -0.49
N VAL B 390 13.99 -35.31 -1.31
CA VAL B 390 12.87 -36.24 -1.53
C VAL B 390 12.48 -36.90 -0.21
N ASP B 391 13.44 -37.53 0.46
CA ASP B 391 13.23 -38.18 1.78
C ASP B 391 12.57 -37.26 2.82
N GLU B 392 13.10 -36.05 2.92
CA GLU B 392 12.61 -35.06 3.86
C GLU B 392 11.19 -34.64 3.63
N MET B 393 10.84 -34.46 2.36
CA MET B 393 9.49 -34.12 1.96
C MET B 393 8.52 -35.27 2.36
N ILE B 394 8.97 -36.50 2.17
CA ILE B 394 8.17 -37.65 2.55
C ILE B 394 8.07 -37.78 4.05
N ARG B 395 9.21 -37.78 4.72
CA ARG B 395 9.29 -38.00 6.16
C ARG B 395 8.25 -37.17 6.93
N VAL B 396 8.28 -35.88 6.67
CA VAL B 396 7.44 -34.94 7.42
C VAL B 396 5.99 -35.36 7.34
N ALA B 397 5.53 -35.82 6.17
CA ALA B 397 4.12 -36.21 6.00
C ALA B 397 3.78 -37.62 6.42
N ASP B 398 4.80 -38.46 6.58
CA ASP B 398 4.66 -39.88 6.80
C ASP B 398 4.52 -40.14 8.28
N ILE B 399 3.28 -40.13 8.77
CA ILE B 399 3.04 -40.32 10.19
C ILE B 399 3.28 -41.78 10.56
N ASP B 400 2.77 -42.69 9.74
CA ASP B 400 2.78 -44.12 10.10
C ASP B 400 4.07 -44.89 9.73
N GLY B 401 5.09 -44.18 9.24
CA GLY B 401 6.44 -44.77 8.96
C GLY B 401 6.63 -45.82 7.86
N ASP B 402 5.74 -45.86 6.86
CA ASP B 402 5.92 -46.76 5.72
C ASP B 402 6.76 -46.19 4.57
N GLY B 403 7.43 -45.06 4.77
CA GLY B 403 8.13 -44.38 3.65
C GLY B 403 7.23 -43.79 2.53
N GLN B 404 5.92 -43.82 2.72
CA GLN B 404 4.95 -43.33 1.74
C GLN B 404 3.91 -42.41 2.40
N VAL B 405 3.26 -41.62 1.56
CA VAL B 405 2.26 -40.65 2.00
C VAL B 405 0.94 -41.17 1.51
N ASN B 406 0.11 -41.67 2.41
CA ASN B 406 -1.27 -42.05 2.03
C ASN B 406 -2.14 -40.77 1.93
N TYR B 407 -3.41 -40.93 1.56
CA TYR B 407 -4.33 -39.80 1.30
C TYR B 407 -4.60 -38.94 2.53
N GLU B 408 -4.76 -39.60 3.66
CA GLU B 408 -5.04 -38.95 4.92
C GLU B 408 -3.83 -38.16 5.38
N GLU B 409 -2.65 -38.73 5.13
CA GLU B 409 -1.40 -38.04 5.41
C GLU B 409 -1.31 -36.80 4.54
N PHE B 410 -1.67 -36.98 3.27
CA PHE B 410 -1.62 -35.89 2.30
C PHE B 410 -2.50 -34.76 2.72
N VAL B 411 -3.78 -35.08 2.92
CA VAL B 411 -4.81 -34.12 3.31
C VAL B 411 -4.36 -33.35 4.53
N GLN B 412 -3.95 -34.07 5.58
CA GLN B 412 -3.51 -33.47 6.84
C GLN B 412 -2.34 -32.53 6.64
N MET B 413 -1.52 -32.79 5.67
CA MET B 413 -0.40 -31.94 5.36
C MET B 413 -0.89 -30.69 4.65
N MET B 414 -1.81 -30.88 3.72
CA MET B 414 -2.35 -29.74 2.97
C MET B 414 -3.19 -28.77 3.79
N THR B 415 -3.56 -29.16 5.01
CA THR B 415 -4.18 -28.27 6.01
C THR B 415 -3.17 -27.67 7.02
CA CA C . -1.47 24.69 26.56
CA CA D . 3.96 14.51 24.84
CA CA E . -28.19 20.45 9.36
CA CA F . -28.07 19.58 -1.92
CA CA G . 4.45 -21.48 -26.91
CA CA H . -5.73 -15.01 -24.70
CA CA I . 1.10 -44.84 -5.71
CA CA J . 2.69 -43.11 5.50
#